data_3PWS
#
_entry.id   3PWS
#
_cell.length_a   60.082
_cell.length_b   99.404
_cell.length_c   64.612
_cell.angle_alpha   90.00
_cell.angle_beta   101.14
_cell.angle_gamma   90.00
#
_symmetry.space_group_name_H-M   'P 1 21 1'
#
loop_
_entity.id
_entity.type
_entity.pdbx_description
1 polymer 'Aspartate-semialdehyde dehydrogenase'
2 non-polymer '(2R)-2-aminohexanedioic acid'
3 non-polymer 'SODIUM ION'
4 non-polymer "ADENOSINE-2'-5'-DIPHOSPHATE"
5 water water
#
_entity_poly.entity_id   1
_entity_poly.type   'polypeptide(L)'
_entity_poly.pdbx_seq_one_letter_code
;MGYTVAVVGATGAVGAQMIKMLEESTLPIDKIRYLASARSAGKSLKFKDQDITIEETTETAFEGVDIALFSAGSSTSAKY
APYAVKAGVVVVDNTSYFRQNPDVPLVVPEVNAHALDAHNGIIACPNCSTIQMMVALEPVRQKWGLDRIIVSTYQAVSGA
GMGAILETQRELREVLNDGVKPCDLHAEILPSGGDKKHYPIAFNALPQIDVFTDNDYTYEEMKMTKETKKIMEDDSIAVS
ATCVRIPVLSAHSESVYIETKEVAPIEEVKAAIAAFPGAVLEDDVAHQIYPQAINAVGSRDTFVGRIRKDLDAEKGIHMW
VVSDNLLKGAAWNSVQIAETLHERGLVRPTAELKFELKLEHHHHHH
;
_entity_poly.pdbx_strand_id   A,B
#
loop_
_chem_comp.id
_chem_comp.type
_chem_comp.name
_chem_comp.formula
11C non-polymer '(2R)-2-aminohexanedioic acid' 'C6 H11 N O4'
A2P non-polymer ADENOSINE-2'-5'-DIPHOSPHATE 'C10 H15 N5 O10 P2'
NA non-polymer 'SODIUM ION' 'Na 1'
#
# COMPACT_ATOMS: atom_id res chain seq x y z
N GLY A 2 11.13 -20.96 39.29
CA GLY A 2 10.90 -20.23 38.00
C GLY A 2 11.75 -20.77 36.87
N TYR A 3 11.84 -20.00 35.79
CA TYR A 3 12.56 -20.44 34.59
C TYR A 3 13.85 -19.64 34.35
N THR A 4 14.75 -20.27 33.61
CA THR A 4 15.87 -19.58 32.98
C THR A 4 15.48 -19.32 31.54
N VAL A 5 15.39 -18.04 31.17
CA VAL A 5 14.96 -17.64 29.83
C VAL A 5 16.11 -16.97 29.07
N ALA A 6 16.37 -17.45 27.86
CA ALA A 6 17.40 -16.86 27.01
C ALA A 6 16.80 -16.14 25.80
N VAL A 7 17.36 -14.98 25.49
CA VAL A 7 16.98 -14.21 24.31
C VAL A 7 18.14 -14.20 23.32
N VAL A 8 17.99 -14.92 22.21
CA VAL A 8 19.01 -14.99 21.17
C VAL A 8 18.73 -13.93 20.11
N GLY A 9 19.66 -12.98 19.97
CA GLY A 9 19.47 -11.82 19.12
C GLY A 9 18.90 -10.66 19.92
N ALA A 10 19.39 -10.50 21.15
CA ALA A 10 18.86 -9.52 22.09
C ALA A 10 19.08 -8.07 21.64
N THR A 11 20.10 -7.86 20.81
CA THR A 11 20.48 -6.51 20.36
C THR A 11 19.67 -6.02 19.16
N GLY A 12 18.99 -6.93 18.49
CA GLY A 12 18.23 -6.59 17.27
C GLY A 12 16.92 -5.86 17.51
N ALA A 13 16.21 -5.57 16.42
CA ALA A 13 14.93 -4.86 16.46
C ALA A 13 13.85 -5.67 17.18
N VAL A 14 13.72 -6.95 16.81
CA VAL A 14 12.79 -7.87 17.49
C VAL A 14 13.28 -8.17 18.91
N GLY A 15 14.58 -8.45 19.04
CA GLY A 15 15.20 -8.74 20.33
C GLY A 15 14.94 -7.69 21.39
N ALA A 16 14.98 -6.43 20.98
CA ALA A 16 14.66 -5.29 21.85
C ALA A 16 13.23 -5.35 22.36
N GLN A 17 12.31 -5.75 21.48
CA GLN A 17 10.89 -5.87 21.84
C GLN A 17 10.61 -7.14 22.64
N MET A 18 11.42 -8.17 22.40
CA MET A 18 11.35 -9.41 23.19
C MET A 18 11.68 -9.15 24.65
N ILE A 19 12.70 -8.31 24.88
CA ILE A 19 13.06 -7.86 26.22
C ILE A 19 11.90 -7.12 26.86
N LYS A 20 11.31 -6.18 26.11
CA LYS A 20 10.18 -5.40 26.59
C LYS A 20 8.97 -6.27 26.93
N MET A 21 8.68 -7.25 26.07
CA MET A 21 7.55 -8.16 26.29
C MET A 21 7.80 -9.09 27.48
N LEU A 22 9.04 -9.56 27.63
CA LEU A 22 9.43 -10.38 28.79
C LEU A 22 9.41 -9.58 30.09
N GLU A 23 9.78 -8.32 30.03
CA GLU A 23 9.69 -7.42 31.18
C GLU A 23 8.24 -7.28 31.65
N GLU A 24 7.32 -7.23 30.70
CA GLU A 24 5.90 -7.07 30.99
C GLU A 24 5.14 -8.40 31.07
N SER A 25 5.89 -9.50 31.09
CA SER A 25 5.30 -10.85 31.09
C SER A 25 4.95 -11.34 32.50
N THR A 26 4.03 -12.30 32.54
CA THR A 26 3.65 -12.98 33.79
C THR A 26 4.54 -14.19 34.06
N LEU A 27 5.38 -14.53 33.08
CA LEU A 27 6.24 -15.71 33.16
C LEU A 27 7.18 -15.63 34.38
N PRO A 28 7.18 -16.70 35.21
CA PRO A 28 8.07 -16.73 36.38
C PRO A 28 9.52 -16.93 35.96
N ILE A 29 10.29 -15.84 35.93
CA ILE A 29 11.67 -15.90 35.49
C ILE A 29 12.63 -15.73 36.67
N ASP A 30 13.43 -16.75 36.91
CA ASP A 30 14.47 -16.72 37.93
C ASP A 30 15.76 -16.09 37.37
N LYS A 31 16.11 -16.47 36.16
CA LYS A 31 17.33 -15.99 35.50
C LYS A 31 17.06 -15.61 34.04
N ILE A 32 17.55 -14.45 33.64
CA ILE A 32 17.42 -13.99 32.26
C ILE A 32 18.82 -13.91 31.62
N ARG A 33 18.93 -14.35 30.37
CA ARG A 33 20.20 -14.33 29.65
C ARG A 33 20.05 -13.72 28.26
N TYR A 34 21.00 -12.87 27.88
CA TYR A 34 21.01 -12.24 26.57
C TYR A 34 22.12 -12.81 25.69
N LEU A 35 21.75 -13.26 24.50
CA LEU A 35 22.70 -13.86 23.56
C LEU A 35 22.69 -13.15 22.20
N ALA A 36 23.88 -12.98 21.63
CA ALA A 36 24.05 -12.38 20.31
C ALA A 36 25.33 -12.90 19.67
N SER A 37 25.87 -12.19 18.68
CA SER A 37 27.13 -12.58 18.05
C SER A 37 28.33 -12.14 18.89
N ALA A 38 29.52 -12.59 18.51
CA ALA A 38 30.77 -12.31 19.24
C ALA A 38 31.03 -10.82 19.46
N ARG A 39 30.63 -9.99 18.50
CA ARG A 39 30.87 -8.55 18.57
C ARG A 39 30.02 -7.82 19.61
N SER A 40 28.92 -8.46 20.03
CA SER A 40 28.06 -7.90 21.07
C SER A 40 28.41 -8.43 22.47
N ALA A 41 29.11 -9.55 22.52
CA ALA A 41 29.50 -10.19 23.78
C ALA A 41 30.33 -9.25 24.65
N GLY A 42 29.96 -9.12 25.92
CA GLY A 42 30.66 -8.25 26.85
C GLY A 42 29.91 -6.96 27.17
N LYS A 43 29.12 -6.49 26.20
CA LYS A 43 28.28 -5.30 26.39
C LYS A 43 27.18 -5.54 27.43
N SER A 44 26.69 -4.45 28.02
CA SER A 44 25.64 -4.52 29.02
C SER A 44 24.30 -4.07 28.44
N LEU A 45 23.24 -4.78 28.84
CA LEU A 45 21.89 -4.45 28.43
C LEU A 45 20.94 -4.68 29.60
N LYS A 46 19.88 -3.88 29.68
CA LYS A 46 18.96 -3.88 30.81
C LYS A 46 17.89 -4.97 30.77
N PHE A 47 17.58 -5.51 31.95
CA PHE A 47 16.34 -6.25 32.17
C PHE A 47 15.67 -5.65 33.40
N LYS A 48 14.56 -4.96 33.18
CA LYS A 48 13.95 -4.08 34.17
C LYS A 48 14.97 -3.04 34.63
N ASP A 49 15.58 -3.27 35.80
CA ASP A 49 16.59 -2.36 36.33
C ASP A 49 17.93 -3.08 36.57
N GLN A 50 17.94 -4.39 36.36
CA GLN A 50 19.15 -5.21 36.50
C GLN A 50 20.04 -5.06 35.28
N ASP A 51 21.34 -5.24 35.47
CA ASP A 51 22.31 -5.21 34.37
C ASP A 51 22.65 -6.62 33.93
N ILE A 52 22.46 -6.90 32.64
CA ILE A 52 22.76 -8.21 32.08
C ILE A 52 23.85 -8.08 31.00
N THR A 53 24.86 -8.94 31.11
CA THR A 53 25.96 -8.96 30.15
C THR A 53 25.63 -9.87 28.97
N ILE A 54 25.72 -9.32 27.76
CA ILE A 54 25.45 -10.05 26.53
C ILE A 54 26.49 -11.15 26.32
N GLU A 55 26.02 -12.34 25.98
CA GLU A 55 26.89 -13.49 25.76
C GLU A 55 26.92 -13.84 24.26
N GLU A 56 27.98 -14.51 23.84
CA GLU A 56 28.07 -15.00 22.47
C GLU A 56 27.33 -16.33 22.34
N THR A 57 26.50 -16.44 21.31
CA THR A 57 25.75 -17.66 21.05
C THR A 57 26.68 -18.76 20.53
N THR A 58 26.79 -19.84 21.31
CA THR A 58 27.59 -21.02 20.95
C THR A 58 26.78 -22.29 21.16
N GLU A 59 27.36 -23.43 20.79
CA GLU A 59 26.68 -24.74 20.91
C GLU A 59 26.53 -25.20 22.35
N THR A 60 27.39 -24.69 23.23
CA THR A 60 27.41 -25.09 24.64
C THR A 60 26.80 -24.03 25.57
N ALA A 61 26.30 -22.95 25.00
CA ALA A 61 25.79 -21.82 25.78
C ALA A 61 24.37 -22.01 26.34
N PHE A 62 23.72 -23.11 25.95
CA PHE A 62 22.30 -23.33 26.26
C PHE A 62 22.03 -24.27 27.45
N GLU A 63 23.08 -24.68 28.15
CA GLU A 63 22.95 -25.59 29.29
C GLU A 63 22.27 -24.91 30.47
N GLY A 64 21.20 -25.53 30.97
CA GLY A 64 20.47 -24.99 32.12
C GLY A 64 19.32 -24.06 31.75
N VAL A 65 19.14 -23.82 30.45
CA VAL A 65 18.10 -22.93 29.94
C VAL A 65 16.79 -23.70 29.79
N ASP A 66 15.69 -23.09 30.24
CA ASP A 66 14.36 -23.69 30.12
C ASP A 66 13.67 -23.26 28.82
N ILE A 67 13.69 -21.96 28.55
CA ILE A 67 13.06 -21.38 27.37
C ILE A 67 14.03 -20.47 26.63
N ALA A 68 14.13 -20.63 25.32
CA ALA A 68 14.95 -19.75 24.50
C ALA A 68 14.13 -19.11 23.38
N LEU A 69 14.13 -17.77 23.35
CA LEU A 69 13.49 -17.03 22.27
C LEU A 69 14.54 -16.62 21.23
N PHE A 70 14.36 -17.10 20.01
CA PHE A 70 15.29 -16.85 18.92
C PHE A 70 14.75 -15.79 17.97
N SER A 71 15.58 -14.78 17.68
CA SER A 71 15.31 -13.85 16.59
C SER A 71 16.61 -13.25 16.09
N ALA A 72 17.45 -14.10 15.50
CA ALA A 72 18.78 -13.70 15.07
C ALA A 72 19.07 -14.15 13.63
N GLY A 73 18.02 -14.25 12.82
CA GLY A 73 18.14 -14.70 11.44
C GLY A 73 18.13 -16.22 11.36
N SER A 74 17.62 -16.75 10.25
CA SER A 74 17.41 -18.18 10.08
C SER A 74 18.69 -19.01 10.16
N SER A 75 19.84 -18.39 9.89
CA SER A 75 21.13 -19.04 9.95
C SER A 75 21.55 -19.37 11.39
N THR A 76 21.21 -18.49 12.31
CA THR A 76 21.52 -18.68 13.74
C THR A 76 20.65 -19.78 14.34
N SER A 77 19.37 -19.80 13.96
CA SER A 77 18.43 -20.82 14.43
C SER A 77 18.80 -22.21 13.92
N ALA A 78 19.12 -22.29 12.63
CA ALA A 78 19.58 -23.54 12.00
C ALA A 78 20.79 -24.14 12.73
N LYS A 79 21.70 -23.27 13.16
CA LYS A 79 22.96 -23.69 13.76
C LYS A 79 22.88 -24.02 15.26
N TYR A 80 22.07 -23.27 16.00
CA TYR A 80 22.11 -23.36 17.46
C TYR A 80 20.85 -23.90 18.14
N ALA A 81 19.71 -23.81 17.47
CA ALA A 81 18.44 -24.31 18.02
C ALA A 81 18.42 -25.82 18.28
N PRO A 82 19.01 -26.63 17.36
CA PRO A 82 19.07 -28.08 17.64
C PRO A 82 19.93 -28.43 18.86
N TYR A 83 20.98 -27.64 19.11
CA TYR A 83 21.82 -27.83 20.28
C TYR A 83 21.10 -27.42 21.56
N ALA A 84 20.24 -26.41 21.45
CA ALA A 84 19.39 -25.98 22.56
C ALA A 84 18.41 -27.09 22.95
N VAL A 85 17.75 -27.68 21.96
CA VAL A 85 16.82 -28.79 22.19
C VAL A 85 17.54 -29.99 22.83
N LYS A 86 18.76 -30.25 22.37
CA LYS A 86 19.61 -31.30 22.93
C LYS A 86 19.93 -31.02 24.40
N ALA A 87 20.13 -29.75 24.73
CA ALA A 87 20.40 -29.30 26.10
C ALA A 87 19.15 -29.28 26.99
N GLY A 88 17.98 -29.54 26.39
CA GLY A 88 16.72 -29.65 27.12
C GLY A 88 15.88 -28.39 27.13
N VAL A 89 16.14 -27.49 26.18
CA VAL A 89 15.43 -26.21 26.10
C VAL A 89 14.19 -26.33 25.21
N VAL A 90 13.15 -25.57 25.55
CA VAL A 90 12.03 -25.36 24.64
C VAL A 90 12.30 -24.07 23.85
N VAL A 91 12.42 -24.20 22.54
CA VAL A 91 12.76 -23.08 21.68
C VAL A 91 11.51 -22.49 21.04
N VAL A 92 11.37 -21.17 21.12
CA VAL A 92 10.39 -20.44 20.33
C VAL A 92 11.18 -19.68 19.27
N ASP A 93 11.01 -20.06 18.01
CA ASP A 93 11.82 -19.53 16.92
C ASP A 93 11.08 -18.52 16.06
N ASN A 94 11.66 -17.33 15.95
CA ASN A 94 11.06 -16.22 15.21
C ASN A 94 11.55 -16.11 13.76
N THR A 95 12.19 -17.17 13.28
CA THR A 95 12.69 -17.20 11.90
C THR A 95 11.86 -18.14 11.04
N SER A 96 12.13 -18.15 9.74
CA SER A 96 11.39 -18.97 8.79
C SER A 96 11.93 -20.41 8.67
N TYR A 97 13.06 -20.68 9.30
CA TYR A 97 13.79 -21.93 9.07
C TYR A 97 13.01 -23.22 9.37
N PHE A 98 12.38 -23.30 10.54
CA PHE A 98 11.70 -24.52 10.97
C PHE A 98 10.19 -24.52 10.71
N ARG A 99 9.68 -23.44 10.13
CA ARG A 99 8.24 -23.23 9.96
C ARG A 99 7.50 -24.32 9.19
N GLN A 100 8.14 -24.86 8.15
CA GLN A 100 7.48 -25.85 7.29
C GLN A 100 7.94 -27.28 7.57
N ASN A 101 8.56 -27.47 8.73
CA ASN A 101 8.93 -28.79 9.23
C ASN A 101 7.72 -29.40 9.94
N PRO A 102 7.28 -30.60 9.48
CA PRO A 102 6.10 -31.26 10.06
C PRO A 102 6.22 -31.58 11.56
N ASP A 103 7.46 -31.62 12.06
CA ASP A 103 7.71 -31.84 13.49
C ASP A 103 7.64 -30.56 14.31
N VAL A 104 7.40 -29.43 13.64
CA VAL A 104 7.41 -28.12 14.31
C VAL A 104 6.03 -27.45 14.20
N PRO A 105 5.40 -27.16 15.36
CA PRO A 105 4.17 -26.39 15.36
C PRO A 105 4.40 -24.93 14.98
N LEU A 106 3.58 -24.43 14.07
CA LEU A 106 3.64 -23.04 13.63
C LEU A 106 2.42 -22.35 14.22
N VAL A 107 2.64 -21.54 15.25
CA VAL A 107 1.56 -21.18 16.18
C VAL A 107 1.23 -19.70 16.31
N VAL A 108 -0.06 -19.40 16.20
CA VAL A 108 -0.65 -18.16 16.69
C VAL A 108 -1.60 -18.62 17.81
N PRO A 109 -1.27 -18.33 19.08
CA PRO A 109 -1.96 -18.90 20.25
C PRO A 109 -3.49 -18.81 20.21
N GLU A 110 -4.03 -17.75 19.63
CA GLU A 110 -5.49 -17.58 19.53
C GLU A 110 -6.12 -18.46 18.46
N VAL A 111 -5.31 -18.97 17.53
CA VAL A 111 -5.81 -19.72 16.38
C VAL A 111 -5.58 -21.22 16.53
N ASN A 112 -4.34 -21.61 16.86
CA ASN A 112 -3.98 -23.02 16.93
C ASN A 112 -3.08 -23.38 18.12
N ALA A 113 -3.47 -22.93 19.31
CA ALA A 113 -2.74 -23.29 20.54
C ALA A 113 -2.64 -24.80 20.74
N HIS A 114 -3.65 -25.53 20.27
CA HIS A 114 -3.68 -26.99 20.39
C HIS A 114 -2.45 -27.69 19.78
N ALA A 115 -1.86 -27.07 18.76
CA ALA A 115 -0.69 -27.63 18.09
C ALA A 115 0.56 -27.66 18.97
N LEU A 116 0.57 -26.87 20.04
CA LEU A 116 1.69 -26.83 20.98
C LEU A 116 1.89 -28.13 21.76
N ASP A 117 0.79 -28.84 22.01
CA ASP A 117 0.78 -30.04 22.85
C ASP A 117 1.77 -31.11 22.39
N ALA A 118 1.87 -31.32 21.08
CA ALA A 118 2.76 -32.34 20.51
C ALA A 118 4.09 -31.78 20.02
N HIS A 119 4.61 -30.74 20.68
CA HIS A 119 5.87 -30.12 20.26
C HIS A 119 7.08 -30.98 20.58
N ASN A 120 8.12 -30.83 19.75
CA ASN A 120 9.34 -31.61 19.88
C ASN A 120 10.55 -30.73 20.21
N GLY A 121 10.32 -29.65 20.94
CA GLY A 121 11.41 -28.77 21.38
C GLY A 121 11.50 -27.44 20.65
N ILE A 122 10.88 -27.35 19.49
CA ILE A 122 10.85 -26.10 18.72
C ILE A 122 9.42 -25.72 18.35
N ILE A 123 9.06 -24.48 18.69
CA ILE A 123 7.81 -23.87 18.25
C ILE A 123 8.16 -22.70 17.34
N ALA A 124 7.62 -22.69 16.12
CA ALA A 124 7.90 -21.62 15.17
C ALA A 124 6.87 -20.50 15.27
N CYS A 125 7.36 -19.28 15.43
CA CYS A 125 6.55 -18.08 15.32
C CYS A 125 6.43 -17.75 13.83
N PRO A 126 5.20 -17.53 13.35
CA PRO A 126 5.00 -17.26 11.92
C PRO A 126 5.55 -15.89 11.50
N ASN A 127 5.51 -15.63 10.19
CA ASN A 127 5.92 -14.34 9.63
C ASN A 127 4.99 -13.23 10.11
N CYS A 128 5.55 -12.03 10.32
CA CYS A 128 4.79 -10.90 10.84
C CYS A 128 3.57 -10.54 9.98
N SER A 129 3.74 -10.56 8.67
CA SER A 129 2.65 -10.27 7.74
C SER A 129 1.55 -11.33 7.80
N THR A 130 1.92 -12.56 8.16
CA THR A 130 0.96 -13.66 8.26
C THR A 130 0.13 -13.58 9.53
N ILE A 131 0.80 -13.37 10.66
CA ILE A 131 0.16 -13.44 11.99
C ILE A 131 -1.08 -12.56 12.11
N GLN A 132 -0.94 -11.28 11.79
CA GLN A 132 -2.05 -10.33 11.94
C GLN A 132 -3.25 -10.67 11.04
N MET A 133 -2.97 -11.23 9.88
CA MET A 133 -4.01 -11.71 8.97
C MET A 133 -4.77 -12.88 9.60
N MET A 134 -4.04 -13.77 10.27
CA MET A 134 -4.64 -14.96 10.90
C MET A 134 -5.56 -14.58 12.06
N VAL A 135 -5.15 -13.59 12.84
CA VAL A 135 -5.94 -13.09 13.96
C VAL A 135 -7.27 -12.48 13.47
N ALA A 136 -7.19 -11.72 12.38
CA ALA A 136 -8.37 -11.08 11.80
C ALA A 136 -9.32 -12.08 11.15
N LEU A 137 -8.77 -13.11 10.50
CA LEU A 137 -9.56 -14.00 9.66
C LEU A 137 -10.13 -15.25 10.34
N GLU A 138 -9.44 -15.77 11.36
CA GLU A 138 -9.88 -16.97 12.06
C GLU A 138 -11.35 -16.92 12.55
N PRO A 139 -11.77 -15.82 13.21
CA PRO A 139 -13.17 -15.74 13.64
C PRO A 139 -14.17 -15.79 12.48
N VAL A 140 -13.75 -15.32 11.31
CA VAL A 140 -14.57 -15.41 10.10
C VAL A 140 -14.63 -16.86 9.60
N ARG A 141 -13.47 -17.50 9.51
CA ARG A 141 -13.36 -18.90 9.09
C ARG A 141 -14.19 -19.84 9.97
N GLN A 142 -14.16 -19.60 11.28
CA GLN A 142 -14.87 -20.43 12.25
C GLN A 142 -16.38 -20.49 12.00
N LYS A 143 -16.95 -19.38 11.52
CA LYS A 143 -18.39 -19.24 11.37
C LYS A 143 -18.91 -19.42 9.93
N TRP A 144 -18.11 -18.98 8.95
CA TRP A 144 -18.56 -19.00 7.55
C TRP A 144 -17.57 -19.64 6.58
N GLY A 145 -16.42 -20.07 7.10
CA GLY A 145 -15.40 -20.73 6.28
C GLY A 145 -14.60 -19.77 5.40
N LEU A 146 -13.51 -20.28 4.83
CA LEU A 146 -12.68 -19.49 3.91
C LEU A 146 -12.37 -20.26 2.64
N ASP A 147 -12.78 -19.70 1.51
CA ASP A 147 -12.47 -20.27 0.19
C ASP A 147 -11.15 -19.74 -0.35
N ARG A 148 -11.03 -18.41 -0.42
CA ARG A 148 -9.81 -17.78 -0.95
C ARG A 148 -9.46 -16.48 -0.22
N ILE A 149 -8.18 -16.14 -0.27
CA ILE A 149 -7.66 -14.87 0.25
C ILE A 149 -6.79 -14.19 -0.80
N ILE A 150 -7.08 -12.93 -1.07
CA ILE A 150 -6.19 -12.07 -1.84
C ILE A 150 -5.79 -10.91 -0.93
N VAL A 151 -4.49 -10.73 -0.75
CA VAL A 151 -3.98 -9.69 0.15
C VAL A 151 -2.88 -8.85 -0.49
N SER A 152 -2.98 -7.54 -0.31
CA SER A 152 -1.92 -6.62 -0.69
C SER A 152 -1.43 -5.95 0.59
N THR A 153 -0.13 -6.00 0.84
CA THR A 153 0.42 -5.52 2.09
C THR A 153 1.08 -4.15 1.97
N TYR A 154 1.15 -3.46 3.12
CA TYR A 154 1.75 -2.15 3.24
C TYR A 154 2.68 -2.26 4.44
N GLN A 155 3.87 -2.81 4.21
CA GLN A 155 4.74 -3.23 5.31
C GLN A 155 5.77 -2.21 5.77
N ALA A 156 5.95 -2.14 7.08
CA ALA A 156 6.92 -1.25 7.73
C ALA A 156 8.34 -1.78 7.54
N VAL A 157 9.30 -0.86 7.61
CA VAL A 157 10.70 -1.20 7.36
C VAL A 157 11.37 -1.96 8.50
N SER A 158 10.87 -1.79 9.74
CA SER A 158 11.44 -2.46 10.91
C SER A 158 11.45 -3.98 10.79
N GLY A 159 10.60 -4.51 9.90
CA GLY A 159 10.55 -5.93 9.60
C GLY A 159 11.88 -6.44 9.06
N ALA A 160 12.58 -5.59 8.32
CA ALA A 160 13.89 -5.93 7.76
C ALA A 160 15.04 -5.73 8.75
N GLY A 161 14.71 -5.25 9.96
CA GLY A 161 15.71 -5.10 11.01
C GLY A 161 16.08 -3.65 11.31
N MET A 162 16.96 -3.49 12.29
CA MET A 162 17.37 -2.17 12.77
C MET A 162 18.01 -1.29 11.69
N GLY A 163 18.86 -1.89 10.86
CA GLY A 163 19.56 -1.19 9.79
C GLY A 163 18.61 -0.53 8.79
N ALA A 164 17.53 -1.25 8.46
CA ALA A 164 16.50 -0.75 7.53
C ALA A 164 15.81 0.51 8.05
N ILE A 165 15.55 0.55 9.34
CA ILE A 165 14.98 1.73 10.00
C ILE A 165 15.89 2.94 9.79
N LEU A 166 17.18 2.75 10.10
CA LEU A 166 18.18 3.82 10.01
C LEU A 166 18.38 4.31 8.58
N GLU A 167 18.35 3.37 7.64
CA GLU A 167 18.42 3.69 6.21
C GLU A 167 17.24 4.55 5.77
N THR A 168 16.04 4.16 6.20
CA THR A 168 14.82 4.90 5.90
C THR A 168 14.87 6.32 6.45
N GLN A 169 15.27 6.45 7.71
CA GLN A 169 15.37 7.75 8.37
C GLN A 169 16.39 8.65 7.70
N ARG A 170 17.55 8.08 7.36
CA ARG A 170 18.62 8.82 6.68
C ARG A 170 18.19 9.32 5.30
N GLU A 171 17.59 8.43 4.51
CA GLU A 171 17.12 8.76 3.17
C GLU A 171 16.11 9.91 3.20
N LEU A 172 15.13 9.80 4.09
CA LEU A 172 14.11 10.84 4.26
C LEU A 172 14.71 12.18 4.68
N ARG A 173 15.75 12.15 5.52
CA ARG A 173 16.47 13.35 5.92
C ARG A 173 17.25 13.98 4.76
N GLU A 174 17.85 13.13 3.92
CA GLU A 174 18.60 13.62 2.75
C GLU A 174 17.69 14.34 1.74
N VAL A 175 16.46 13.85 1.58
CA VAL A 175 15.50 14.46 0.66
C VAL A 175 14.94 15.77 1.22
N LEU A 176 14.50 15.73 2.48
CA LEU A 176 13.84 16.88 3.09
C LEU A 176 14.80 17.99 3.53
N ASN A 177 16.00 17.62 3.95
CA ASN A 177 16.98 18.59 4.45
C ASN A 177 18.02 19.00 3.40
N ASP A 178 18.46 18.06 2.58
CA ASP A 178 19.51 18.30 1.59
C ASP A 178 18.97 18.50 0.18
N GLY A 179 17.68 18.23 0.00
CA GLY A 179 17.01 18.45 -1.28
C GLY A 179 17.34 17.43 -2.36
N VAL A 180 17.88 16.28 -1.94
CA VAL A 180 18.23 15.20 -2.87
C VAL A 180 16.96 14.59 -3.47
N LYS A 181 16.97 14.39 -4.78
CA LYS A 181 15.87 13.69 -5.44
C LYS A 181 15.85 12.24 -4.99
N PRO A 182 14.67 11.73 -4.59
CA PRO A 182 14.53 10.35 -4.12
C PRO A 182 15.17 9.31 -5.04
N CYS A 183 15.00 9.48 -6.35
CA CYS A 183 15.57 8.56 -7.33
C CYS A 183 17.10 8.63 -7.44
N ASP A 184 17.70 9.60 -6.73
CA ASP A 184 19.17 9.75 -6.70
C ASP A 184 19.80 9.26 -5.39
N LEU A 185 18.97 8.83 -4.45
CA LEU A 185 19.45 8.31 -3.15
C LEU A 185 20.25 7.02 -3.30
N HIS A 186 21.16 6.79 -2.35
CA HIS A 186 21.93 5.57 -2.28
C HIS A 186 21.38 4.66 -1.18
N ALA A 187 21.12 3.40 -1.54
CA ALA A 187 20.59 2.42 -0.59
C ALA A 187 21.54 1.23 -0.44
N GLU A 188 21.54 0.64 0.76
CA GLU A 188 22.43 -0.47 1.09
C GLU A 188 21.67 -1.74 1.46
N ILE A 189 20.47 -1.58 2.00
CA ILE A 189 19.72 -2.72 2.55
C ILE A 189 18.46 -3.04 1.72
N LEU A 190 17.47 -2.15 1.75
CA LEU A 190 16.17 -2.40 1.11
C LEU A 190 16.27 -2.44 -0.42
N PRO A 191 15.40 -3.23 -1.08
CA PRO A 191 14.28 -4.03 -0.56
C PRO A 191 14.68 -5.27 0.24
N SER A 192 15.80 -5.89 -0.13
CA SER A 192 16.27 -7.11 0.54
C SER A 192 17.78 -7.04 0.75
N GLY A 193 18.20 -7.18 2.01
CA GLY A 193 19.63 -7.10 2.36
C GLY A 193 20.51 -8.09 1.62
N GLY A 194 19.98 -9.28 1.38
CA GLY A 194 20.72 -10.35 0.73
C GLY A 194 20.69 -10.34 -0.79
N ASP A 195 19.77 -9.57 -1.37
CA ASP A 195 19.65 -9.51 -2.82
C ASP A 195 20.73 -8.62 -3.45
N LYS A 196 20.86 -8.73 -4.78
CA LYS A 196 21.97 -8.11 -5.51
C LYS A 196 21.92 -6.59 -5.57
N LYS A 197 20.70 -6.05 -5.75
CA LYS A 197 20.53 -4.61 -5.93
C LYS A 197 19.69 -3.99 -4.82
N HIS A 198 19.93 -2.70 -4.56
CA HIS A 198 19.25 -1.99 -3.48
C HIS A 198 18.64 -0.68 -3.96
N TYR A 199 17.42 -0.39 -3.48
CA TYR A 199 16.67 0.79 -3.92
C TYR A 199 16.23 1.65 -2.74
N PRO A 200 16.09 2.97 -2.96
CA PRO A 200 15.58 3.86 -1.92
C PRO A 200 14.13 3.53 -1.56
N ILE A 201 13.75 3.76 -0.31
CA ILE A 201 12.39 3.57 0.16
C ILE A 201 11.67 4.92 0.38
N ALA A 202 12.47 5.96 0.61
CA ALA A 202 11.94 7.30 0.86
C ALA A 202 11.02 7.75 -0.29
N PHE A 203 9.79 8.13 0.07
CA PHE A 203 8.75 8.52 -0.89
C PHE A 203 8.53 7.48 -2.01
N ASN A 204 8.67 6.21 -1.65
CA ASN A 204 8.57 5.11 -2.60
C ASN A 204 7.72 3.96 -2.06
N ALA A 205 7.27 3.10 -2.96
CA ALA A 205 6.60 1.85 -2.60
C ALA A 205 7.30 0.73 -3.36
N LEU A 206 8.02 -0.12 -2.62
CA LEU A 206 8.81 -1.18 -3.23
C LEU A 206 8.09 -2.52 -3.18
N PRO A 207 7.66 -3.04 -4.35
CA PRO A 207 6.92 -4.30 -4.41
C PRO A 207 7.82 -5.54 -4.35
N GLN A 208 8.79 -5.51 -3.44
CA GLN A 208 9.63 -6.66 -3.18
C GLN A 208 10.01 -6.70 -1.71
N ILE A 209 9.67 -7.81 -1.07
CA ILE A 209 10.09 -8.11 0.30
C ILE A 209 10.65 -9.53 0.28
N ASP A 210 11.88 -9.68 0.78
CA ASP A 210 12.66 -10.92 0.63
C ASP A 210 13.06 -11.08 -0.84
N VAL A 211 13.63 -12.24 -1.19
CA VAL A 211 14.07 -12.49 -2.58
C VAL A 211 12.98 -13.20 -3.39
N PHE A 212 13.14 -13.21 -4.71
CA PHE A 212 12.16 -13.84 -5.60
C PHE A 212 12.32 -15.36 -5.63
N THR A 213 11.18 -16.06 -5.75
CA THR A 213 11.17 -17.51 -5.92
C THR A 213 10.99 -17.84 -7.39
N ASP A 214 10.99 -19.14 -7.71
CA ASP A 214 10.87 -19.64 -9.08
C ASP A 214 9.57 -19.28 -9.81
N ASN A 215 8.53 -18.94 -9.04
CA ASN A 215 7.21 -18.65 -9.62
C ASN A 215 6.92 -17.15 -9.75
N ASP A 216 7.95 -16.33 -9.59
CA ASP A 216 7.88 -14.86 -9.73
C ASP A 216 7.19 -14.14 -8.57
N TYR A 217 6.74 -14.90 -7.57
CA TYR A 217 6.35 -14.34 -6.28
C TYR A 217 7.60 -14.31 -5.40
N THR A 218 7.65 -13.38 -4.46
CA THR A 218 8.75 -13.35 -3.51
C THR A 218 8.54 -14.40 -2.42
N TYR A 219 9.58 -14.68 -1.64
CA TYR A 219 9.46 -15.60 -0.51
C TYR A 219 8.46 -15.09 0.53
N GLU A 220 8.41 -13.77 0.73
CA GLU A 220 7.45 -13.15 1.65
C GLU A 220 6.01 -13.48 1.26
N GLU A 221 5.71 -13.33 -0.03
CA GLU A 221 4.38 -13.62 -0.56
C GLU A 221 4.04 -15.11 -0.40
N MET A 222 5.01 -15.97 -0.72
CA MET A 222 4.84 -17.41 -0.62
C MET A 222 4.74 -17.90 0.83
N LYS A 223 5.44 -17.22 1.73
CA LYS A 223 5.32 -17.52 3.16
C LYS A 223 3.91 -17.24 3.67
N MET A 224 3.32 -16.13 3.22
CA MET A 224 1.93 -15.82 3.57
C MET A 224 0.98 -16.93 3.09
N THR A 225 1.22 -17.42 1.88
CA THR A 225 0.46 -18.53 1.31
C THR A 225 0.63 -19.81 2.13
N LYS A 226 1.87 -20.27 2.27
CA LYS A 226 2.17 -21.55 2.90
C LYS A 226 1.89 -21.58 4.41
N GLU A 227 2.16 -20.46 5.09
CA GLU A 227 1.95 -20.40 6.55
C GLU A 227 0.48 -20.39 6.95
N THR A 228 -0.34 -19.67 6.19
CA THR A 228 -1.80 -19.66 6.36
C THR A 228 -2.38 -21.07 6.30
N LYS A 229 -1.93 -21.84 5.31
CA LYS A 229 -2.40 -23.20 5.11
C LYS A 229 -2.05 -24.11 6.30
N LYS A 230 -0.84 -23.97 6.82
CA LYS A 230 -0.41 -24.76 7.99
C LYS A 230 -1.12 -24.32 9.28
N ILE A 231 -1.15 -23.01 9.54
CA ILE A 231 -1.79 -22.45 10.74
C ILE A 231 -3.27 -22.82 10.84
N MET A 232 -4.02 -22.59 9.77
CA MET A 232 -5.44 -22.91 9.72
C MET A 232 -5.72 -24.38 9.38
N GLU A 233 -4.64 -25.15 9.20
CA GLU A 233 -4.69 -26.59 8.93
C GLU A 233 -5.67 -26.94 7.80
N ASP A 234 -5.54 -26.22 6.69
CA ASP A 234 -6.43 -26.37 5.54
C ASP A 234 -5.69 -25.96 4.27
N ASP A 235 -5.21 -26.95 3.53
CA ASP A 235 -4.47 -26.74 2.29
C ASP A 235 -5.36 -26.30 1.12
N SER A 236 -6.67 -26.30 1.32
CA SER A 236 -7.63 -25.93 0.27
C SER A 236 -7.94 -24.43 0.23
N ILE A 237 -7.43 -23.67 1.20
CA ILE A 237 -7.61 -22.22 1.19
C ILE A 237 -6.66 -21.61 0.16
N ALA A 238 -7.23 -21.02 -0.89
CA ALA A 238 -6.46 -20.34 -1.91
C ALA A 238 -5.89 -19.02 -1.38
N VAL A 239 -4.57 -18.86 -1.46
CA VAL A 239 -3.94 -17.62 -0.98
C VAL A 239 -2.93 -17.08 -2.00
N SER A 240 -3.16 -15.83 -2.43
CA SER A 240 -2.22 -15.11 -3.28
C SER A 240 -1.97 -13.72 -2.70
N ALA A 241 -0.69 -13.35 -2.64
CA ALA A 241 -0.28 -12.10 -1.98
C ALA A 241 0.65 -11.24 -2.84
N THR A 242 0.55 -9.93 -2.60
CA THR A 242 1.51 -8.95 -3.11
C THR A 242 2.04 -8.19 -1.89
N CYS A 243 3.33 -8.35 -1.63
CA CYS A 243 3.92 -7.74 -0.44
C CYS A 243 4.78 -6.54 -0.81
N VAL A 244 4.41 -5.39 -0.27
CA VAL A 244 5.02 -4.11 -0.64
C VAL A 244 5.54 -3.37 0.59
N ARG A 245 6.76 -2.86 0.49
CA ARG A 245 7.34 -2.02 1.54
C ARG A 245 7.00 -0.55 1.29
N ILE A 246 6.55 0.13 2.34
CA ILE A 246 6.24 1.56 2.27
C ILE A 246 7.05 2.32 3.33
N PRO A 247 7.09 3.67 3.23
CA PRO A 247 7.87 4.45 4.20
C PRO A 247 7.20 4.56 5.57
N VAL A 248 6.93 3.42 6.19
CA VAL A 248 6.46 3.34 7.59
C VAL A 248 7.55 2.63 8.39
N LEU A 249 7.82 3.10 9.60
CA LEU A 249 8.84 2.49 10.45
C LEU A 249 8.31 1.27 11.20
N SER A 250 7.13 1.39 11.80
CA SER A 250 6.55 0.32 12.61
C SER A 250 5.08 0.11 12.30
N ALA A 251 4.67 -1.16 12.26
CA ALA A 251 3.28 -1.61 12.03
C ALA A 251 2.94 -1.85 10.57
N HIS A 252 2.58 -3.09 10.26
CA HIS A 252 2.15 -3.49 8.93
C HIS A 252 0.67 -3.19 8.73
N SER A 253 0.31 -2.78 7.52
CA SER A 253 -1.08 -2.62 7.14
C SER A 253 -1.39 -3.57 5.99
N GLU A 254 -2.61 -4.08 5.95
CA GLU A 254 -2.99 -5.06 4.93
C GLU A 254 -4.39 -4.83 4.38
N SER A 255 -4.49 -4.76 3.06
CA SER A 255 -5.76 -4.78 2.38
C SER A 255 -6.09 -6.23 2.07
N VAL A 256 -7.06 -6.78 2.78
CA VAL A 256 -7.38 -8.20 2.71
C VAL A 256 -8.74 -8.43 2.07
N TYR A 257 -8.73 -9.22 1.00
CA TYR A 257 -9.96 -9.67 0.36
C TYR A 257 -10.15 -11.15 0.62
N ILE A 258 -11.37 -11.52 0.99
CA ILE A 258 -11.70 -12.92 1.23
C ILE A 258 -12.99 -13.32 0.53
N GLU A 259 -13.09 -14.61 0.22
CA GLU A 259 -14.37 -15.20 -0.15
C GLU A 259 -14.66 -16.35 0.80
N THR A 260 -15.82 -16.26 1.44
CA THR A 260 -16.23 -17.24 2.44
C THR A 260 -16.92 -18.42 1.76
N LYS A 261 -17.08 -19.52 2.50
CA LYS A 261 -17.84 -20.68 2.01
C LYS A 261 -19.34 -20.37 1.96
N GLU A 262 -19.83 -19.75 3.01
CA GLU A 262 -21.23 -19.32 3.10
C GLU A 262 -21.28 -17.81 3.26
N VAL A 263 -22.37 -17.19 2.79
CA VAL A 263 -22.53 -15.74 2.87
C VAL A 263 -22.45 -15.27 4.32
N ALA A 264 -21.54 -14.33 4.58
CA ALA A 264 -21.31 -13.80 5.92
C ALA A 264 -21.83 -12.37 6.05
N PRO A 265 -22.97 -12.19 6.76
CA PRO A 265 -23.53 -10.87 7.03
C PRO A 265 -22.50 -9.95 7.68
N ILE A 266 -22.32 -8.77 7.10
CA ILE A 266 -21.23 -7.85 7.50
C ILE A 266 -21.26 -7.47 8.99
N GLU A 267 -22.45 -7.15 9.52
CA GLU A 267 -22.56 -6.81 10.94
C GLU A 267 -22.22 -7.99 11.85
N GLU A 268 -22.49 -9.21 11.39
CA GLU A 268 -22.10 -10.41 12.12
C GLU A 268 -20.59 -10.67 12.03
N VAL A 269 -19.99 -10.30 10.89
CA VAL A 269 -18.54 -10.41 10.72
C VAL A 269 -17.82 -9.46 11.68
N LYS A 270 -18.26 -8.20 11.69
CA LYS A 270 -17.74 -7.18 12.62
C LYS A 270 -17.83 -7.67 14.07
N ALA A 271 -18.97 -8.22 14.44
CA ALA A 271 -19.19 -8.75 15.79
C ALA A 271 -18.30 -9.95 16.11
N ALA A 272 -18.08 -10.82 15.12
CA ALA A 272 -17.25 -12.00 15.31
C ALA A 272 -15.78 -11.63 15.48
N ILE A 273 -15.33 -10.63 14.72
CA ILE A 273 -13.96 -10.15 14.80
C ILE A 273 -13.73 -9.43 16.14
N ALA A 274 -14.69 -8.60 16.54
CA ALA A 274 -14.64 -7.90 17.84
C ALA A 274 -14.59 -8.87 19.02
N ALA A 275 -15.27 -10.01 18.90
CA ALA A 275 -15.35 -11.00 19.97
C ALA A 275 -14.12 -11.92 20.06
N PHE A 276 -13.29 -11.90 19.02
CA PHE A 276 -12.12 -12.79 18.96
C PHE A 276 -10.94 -12.23 19.75
N PRO A 277 -10.35 -13.05 20.65
CA PRO A 277 -9.20 -12.60 21.45
C PRO A 277 -8.02 -12.17 20.57
N GLY A 278 -7.43 -11.00 20.87
CA GLY A 278 -6.30 -10.47 20.12
C GLY A 278 -6.70 -9.55 18.97
N ALA A 279 -7.98 -9.55 18.63
CA ALA A 279 -8.51 -8.72 17.54
C ALA A 279 -9.39 -7.61 18.09
N VAL A 280 -9.19 -6.39 17.61
CA VAL A 280 -10.00 -5.25 18.03
C VAL A 280 -10.65 -4.61 16.81
N LEU A 281 -11.98 -4.52 16.84
CA LEU A 281 -12.74 -3.86 15.79
C LEU A 281 -12.63 -2.35 15.88
N GLU A 282 -12.00 -1.74 14.88
CA GLU A 282 -11.95 -0.30 14.74
C GLU A 282 -12.61 0.05 13.40
N ASP A 283 -13.94 0.12 13.43
CA ASP A 283 -14.73 0.29 12.22
C ASP A 283 -15.98 1.12 12.51
N ASP A 284 -15.85 2.43 12.31
CA ASP A 284 -16.96 3.36 12.42
C ASP A 284 -16.72 4.46 11.39
N VAL A 285 -17.14 4.17 10.16
CA VAL A 285 -16.82 5.05 9.01
C VAL A 285 -17.50 6.43 9.10
N ALA A 286 -18.64 6.49 9.78
CA ALA A 286 -19.35 7.74 10.02
C ALA A 286 -18.50 8.77 10.78
N HIS A 287 -17.61 8.27 11.65
CA HIS A 287 -16.66 9.13 12.38
C HIS A 287 -15.22 8.88 11.93
N GLN A 288 -15.06 8.38 10.70
CA GLN A 288 -13.76 8.08 10.10
C GLN A 288 -12.87 7.22 11.01
N ILE A 289 -13.45 6.16 11.55
CA ILE A 289 -12.68 5.22 12.38
C ILE A 289 -12.26 4.00 11.56
N TYR A 290 -10.95 3.81 11.48
CA TYR A 290 -10.35 2.67 10.80
C TYR A 290 -8.95 2.46 11.39
N PRO A 291 -8.40 1.24 11.29
CA PRO A 291 -7.06 1.00 11.82
C PRO A 291 -6.00 1.87 11.13
N GLN A 292 -5.03 2.34 11.90
CA GLN A 292 -3.94 3.16 11.38
C GLN A 292 -2.62 2.66 11.96
N ALA A 293 -1.60 2.61 11.11
CA ALA A 293 -0.27 2.15 11.53
C ALA A 293 0.24 2.88 12.76
N ILE A 294 0.12 4.21 12.77
CA ILE A 294 0.64 5.03 13.88
C ILE A 294 -0.08 4.78 15.20
N ASN A 295 -1.37 4.41 15.13
CA ASN A 295 -2.14 4.11 16.33
C ASN A 295 -1.89 2.71 16.88
N ALA A 296 -1.48 1.79 16.00
CA ALA A 296 -1.26 0.39 16.38
C ALA A 296 0.10 0.16 17.06
N VAL A 297 1.05 1.03 16.77
CA VAL A 297 2.40 0.97 17.35
C VAL A 297 2.34 0.96 18.88
N GLY A 298 2.96 -0.07 19.48
CA GLY A 298 3.00 -0.19 20.92
C GLY A 298 1.93 -1.09 21.51
N SER A 299 0.97 -1.51 20.69
CA SER A 299 -0.12 -2.38 21.15
C SER A 299 0.04 -3.82 20.68
N ARG A 300 -0.33 -4.76 21.55
CA ARG A 300 -0.32 -6.19 21.26
C ARG A 300 -1.47 -6.60 20.35
N ASP A 301 -2.50 -5.76 20.28
CA ASP A 301 -3.73 -6.10 19.57
C ASP A 301 -3.60 -5.96 18.05
N THR A 302 -4.47 -6.65 17.34
CA THR A 302 -4.60 -6.53 15.89
C THR A 302 -5.91 -5.80 15.60
N PHE A 303 -5.82 -4.76 14.78
CA PHE A 303 -6.95 -3.86 14.55
C PHE A 303 -7.55 -4.04 13.17
N VAL A 304 -8.87 -4.18 13.11
CA VAL A 304 -9.57 -4.51 11.87
C VAL A 304 -10.69 -3.51 11.61
N GLY A 305 -10.79 -3.08 10.35
CA GLY A 305 -11.81 -2.13 9.92
C GLY A 305 -11.98 -2.12 8.42
N ARG A 306 -12.62 -1.06 7.93
CA ARG A 306 -13.02 -0.93 6.52
C ARG A 306 -13.76 -2.19 6.00
N ILE A 307 -14.43 -2.88 6.92
CA ILE A 307 -15.12 -4.14 6.60
C ILE A 307 -16.36 -3.85 5.74
N ARG A 308 -16.42 -4.51 4.59
CA ARG A 308 -17.49 -4.29 3.63
C ARG A 308 -17.55 -5.43 2.62
N LYS A 309 -18.75 -5.70 2.11
CA LYS A 309 -18.90 -6.75 1.11
C LYS A 309 -18.41 -6.27 -0.25
N ASP A 310 -17.92 -7.21 -1.06
CA ASP A 310 -17.54 -6.93 -2.43
C ASP A 310 -18.74 -6.37 -3.18
N LEU A 311 -18.50 -5.48 -4.13
CA LEU A 311 -19.57 -4.87 -4.91
C LEU A 311 -20.27 -5.85 -5.85
N ASP A 312 -19.63 -7.00 -6.11
CA ASP A 312 -20.18 -7.98 -7.06
C ASP A 312 -20.19 -9.43 -6.56
N ALA A 313 -19.07 -9.89 -5.98
CA ALA A 313 -18.97 -11.26 -5.48
C ALA A 313 -19.84 -11.46 -4.24
N GLU A 314 -20.77 -12.41 -4.34
CA GLU A 314 -21.74 -12.67 -3.27
C GLU A 314 -21.09 -12.96 -1.92
N LYS A 315 -20.00 -13.73 -1.95
CA LYS A 315 -19.33 -14.15 -0.72
C LYS A 315 -18.02 -13.41 -0.47
N GLY A 316 -17.79 -12.35 -1.25
CA GLY A 316 -16.57 -11.54 -1.13
C GLY A 316 -16.67 -10.45 -0.08
N ILE A 317 -15.61 -10.33 0.73
CA ILE A 317 -15.52 -9.31 1.77
C ILE A 317 -14.14 -8.63 1.73
N HIS A 318 -14.13 -7.30 1.81
CA HIS A 318 -12.88 -6.53 1.92
C HIS A 318 -12.72 -6.03 3.35
N MET A 319 -11.46 -5.85 3.78
CA MET A 319 -11.14 -5.31 5.11
C MET A 319 -9.72 -4.75 5.19
N TRP A 320 -9.45 -4.03 6.28
CA TRP A 320 -8.15 -3.38 6.52
C TRP A 320 -7.61 -3.85 7.86
N VAL A 321 -6.42 -4.45 7.83
CA VAL A 321 -5.83 -5.10 9.01
C VAL A 321 -4.48 -4.46 9.34
N VAL A 322 -4.34 -3.97 10.58
CA VAL A 322 -3.11 -3.32 11.04
C VAL A 322 -2.68 -3.84 12.40
N SER A 323 -1.39 -4.14 12.53
CA SER A 323 -0.80 -4.54 13.81
C SER A 323 0.69 -4.19 13.85
N ASP A 324 1.19 -3.91 15.06
CA ASP A 324 2.62 -3.69 15.27
C ASP A 324 3.38 -4.95 14.87
N ASN A 325 4.22 -4.84 13.84
CA ASN A 325 4.95 -5.99 13.30
C ASN A 325 6.05 -6.54 14.21
N LEU A 326 6.53 -5.71 15.13
CA LEU A 326 7.53 -6.15 16.10
C LEU A 326 6.90 -6.76 17.36
N LEU A 327 5.61 -6.52 17.55
CA LEU A 327 4.89 -7.07 18.70
C LEU A 327 4.12 -8.34 18.33
N LYS A 328 2.87 -8.22 17.90
CA LYS A 328 2.08 -9.40 17.52
C LYS A 328 2.73 -10.12 16.34
N GLY A 329 3.40 -9.37 15.48
CA GLY A 329 4.10 -9.94 14.34
C GLY A 329 5.35 -10.73 14.71
N ALA A 330 5.88 -10.51 15.92
CA ALA A 330 7.10 -11.18 16.35
C ALA A 330 7.23 -11.39 17.87
N ALA A 331 7.67 -10.35 18.58
CA ALA A 331 8.08 -10.48 19.98
C ALA A 331 6.95 -10.87 20.94
N TRP A 332 5.77 -10.26 20.77
CA TRP A 332 4.62 -10.60 21.60
C TRP A 332 4.07 -11.98 21.28
N ASN A 333 3.98 -12.33 19.99
CA ASN A 333 3.55 -13.67 19.63
C ASN A 333 4.44 -14.75 20.25
N SER A 334 5.75 -14.48 20.27
CA SER A 334 6.72 -15.41 20.86
C SER A 334 6.58 -15.53 22.39
N VAL A 335 6.46 -14.40 23.07
CA VAL A 335 6.27 -14.39 24.52
C VAL A 335 4.93 -15.01 24.91
N GLN A 336 3.90 -14.73 24.13
CA GLN A 336 2.57 -15.32 24.31
C GLN A 336 2.59 -16.83 24.13
N ILE A 337 3.38 -17.30 23.16
CA ILE A 337 3.62 -18.74 22.99
C ILE A 337 4.26 -19.33 24.25
N ALA A 338 5.30 -18.67 24.76
CA ALA A 338 5.99 -19.11 25.97
C ALA A 338 5.05 -19.14 27.18
N GLU A 339 4.20 -18.12 27.28
CA GLU A 339 3.19 -18.06 28.35
C GLU A 339 2.16 -19.19 28.21
N THR A 340 1.80 -19.53 26.97
CA THR A 340 0.87 -20.63 26.71
C THR A 340 1.53 -21.98 27.01
N LEU A 341 2.82 -22.09 26.70
CA LEU A 341 3.59 -23.29 27.04
C LEU A 341 3.60 -23.50 28.56
N HIS A 342 3.81 -22.41 29.31
CA HIS A 342 3.76 -22.46 30.77
C HIS A 342 2.38 -22.91 31.28
N GLU A 343 1.33 -22.28 30.76
CA GLU A 343 -0.05 -22.63 31.11
C GLU A 343 -0.33 -24.12 30.99
N ARG A 344 0.14 -24.71 29.90
CA ARG A 344 -0.18 -26.10 29.56
C ARG A 344 0.86 -27.11 30.09
N GLY A 345 1.83 -26.61 30.85
CA GLY A 345 2.88 -27.45 31.44
C GLY A 345 3.78 -28.08 30.40
N LEU A 346 4.04 -27.34 29.32
CA LEU A 346 4.80 -27.85 28.19
C LEU A 346 6.24 -27.35 28.16
N VAL A 347 6.66 -26.68 29.23
CA VAL A 347 8.05 -26.23 29.38
C VAL A 347 8.86 -27.32 30.11
N ARG A 348 9.39 -28.25 29.32
CA ARG A 348 10.21 -29.36 29.81
C ARG A 348 11.08 -29.89 28.66
N PRO A 349 12.19 -30.60 28.98
CA PRO A 349 13.03 -31.21 27.94
C PRO A 349 12.28 -32.21 27.05
N THR A 350 12.71 -32.29 25.79
CA THR A 350 12.17 -33.27 24.84
C THR A 350 13.14 -34.44 24.74
N ALA A 351 12.62 -35.65 24.97
CA ALA A 351 13.42 -36.87 24.95
C ALA A 351 14.01 -37.15 23.56
N GLU A 352 13.15 -37.27 22.56
CA GLU A 352 13.59 -37.58 21.21
C GLU A 352 14.06 -36.33 20.46
N LEU A 353 15.31 -36.36 20.00
CA LEU A 353 15.89 -35.27 19.21
C LEU A 353 15.59 -35.50 17.73
N LYS A 354 14.76 -34.63 17.16
CA LYS A 354 14.30 -34.80 15.79
C LYS A 354 14.95 -33.83 14.80
N PHE A 355 15.94 -33.08 15.28
CA PHE A 355 16.59 -32.05 14.46
C PHE A 355 18.10 -32.27 14.40
N GLU A 356 18.59 -32.49 13.18
CA GLU A 356 20.01 -32.77 12.94
C GLU A 356 20.91 -31.63 13.36
N LEU A 357 21.95 -31.96 14.11
CA LEU A 357 22.95 -30.99 14.54
C LEU A 357 23.91 -30.69 13.38
N LYS A 358 24.10 -29.40 13.09
CA LYS A 358 24.92 -28.99 11.95
C LYS A 358 26.39 -28.80 12.33
N GLY B 2 -3.45 29.87 -34.65
CA GLY B 2 -3.20 29.15 -33.37
C GLY B 2 -4.36 29.28 -32.40
N TYR B 3 -4.14 28.82 -31.16
CA TYR B 3 -5.19 28.79 -30.15
C TYR B 3 -4.91 29.73 -28.99
N THR B 4 -5.98 30.27 -28.41
CA THR B 4 -5.92 30.88 -27.09
C THR B 4 -6.29 29.80 -26.09
N VAL B 5 -5.35 29.50 -25.20
CA VAL B 5 -5.52 28.45 -24.20
C VAL B 5 -5.57 29.06 -22.80
N ALA B 6 -6.56 28.63 -22.02
CA ALA B 6 -6.69 29.05 -20.63
C ALA B 6 -6.41 27.88 -19.69
N VAL B 7 -5.71 28.15 -18.60
CA VAL B 7 -5.52 27.18 -17.52
C VAL B 7 -6.26 27.65 -16.28
N VAL B 8 -7.35 26.96 -15.95
CA VAL B 8 -8.11 27.28 -14.74
C VAL B 8 -7.56 26.47 -13.56
N GLY B 9 -7.11 27.19 -12.53
CA GLY B 9 -6.41 26.59 -11.39
C GLY B 9 -4.92 26.50 -11.66
N ALA B 10 -4.36 27.53 -12.29
CA ALA B 10 -2.97 27.53 -12.76
C ALA B 10 -1.94 27.48 -11.64
N THR B 11 -2.34 27.93 -10.45
CA THR B 11 -1.44 28.02 -9.29
C THR B 11 -1.32 26.71 -8.50
N GLY B 12 -2.28 25.81 -8.68
CA GLY B 12 -2.33 24.56 -7.92
C GLY B 12 -1.28 23.54 -8.29
N ALA B 13 -1.32 22.39 -7.62
CA ALA B 13 -0.36 21.29 -7.84
C ALA B 13 -0.49 20.69 -9.25
N VAL B 14 -1.73 20.49 -9.70
CA VAL B 14 -1.98 20.03 -11.07
C VAL B 14 -1.68 21.15 -12.07
N GLY B 15 -2.13 22.36 -11.75
CA GLY B 15 -1.94 23.54 -12.60
C GLY B 15 -0.49 23.79 -13.00
N ALA B 16 0.43 23.64 -12.05
CA ALA B 16 1.85 23.77 -12.33
C ALA B 16 2.33 22.76 -13.38
N GLN B 17 1.77 21.55 -13.33
CA GLN B 17 2.12 20.52 -14.29
C GLN B 17 1.40 20.72 -15.62
N MET B 18 0.23 21.35 -15.58
CA MET B 18 -0.48 21.72 -16.80
C MET B 18 0.32 22.74 -17.61
N ILE B 19 0.93 23.69 -16.90
CA ILE B 19 1.83 24.67 -17.51
C ILE B 19 3.02 23.98 -18.17
N LYS B 20 3.70 23.11 -17.43
CA LYS B 20 4.85 22.36 -17.94
C LYS B 20 4.47 21.54 -19.17
N MET B 21 3.37 20.80 -19.07
CA MET B 21 2.91 19.96 -20.18
C MET B 21 2.55 20.78 -21.42
N LEU B 22 1.96 21.95 -21.21
CA LEU B 22 1.65 22.87 -22.30
C LEU B 22 2.90 23.49 -22.91
N GLU B 23 3.89 23.77 -22.06
CA GLU B 23 5.19 24.29 -22.51
C GLU B 23 5.90 23.29 -23.41
N GLU B 24 5.71 22.00 -23.13
CA GLU B 24 6.34 20.93 -23.90
C GLU B 24 5.40 20.34 -24.96
N SER B 25 4.27 21.00 -25.18
CA SER B 25 3.23 20.55 -26.11
C SER B 25 3.51 21.00 -27.53
N THR B 26 2.97 20.25 -28.50
CA THR B 26 3.05 20.59 -29.92
C THR B 26 1.94 21.57 -30.33
N LEU B 27 0.96 21.76 -29.43
CA LEU B 27 -0.21 22.60 -29.67
C LEU B 27 0.17 24.02 -30.11
N PRO B 28 -0.42 24.49 -31.23
CA PRO B 28 -0.15 25.87 -31.68
C PRO B 28 -0.84 26.88 -30.77
N ILE B 29 -0.09 27.43 -29.82
CA ILE B 29 -0.62 28.35 -28.83
C ILE B 29 -0.22 29.79 -29.18
N ASP B 30 -1.21 30.61 -29.51
CA ASP B 30 -0.97 32.03 -29.80
C ASP B 30 -1.02 32.89 -28.54
N LYS B 31 -1.85 32.49 -27.59
CA LYS B 31 -2.06 33.22 -26.34
C LYS B 31 -2.29 32.26 -25.17
N ILE B 32 -1.65 32.53 -24.05
CA ILE B 32 -1.86 31.78 -22.82
C ILE B 32 -2.47 32.68 -21.75
N ARG B 33 -3.49 32.17 -21.05
CA ARG B 33 -4.09 32.89 -19.93
C ARG B 33 -4.16 32.00 -18.70
N TYR B 34 -3.77 32.55 -17.55
CA TYR B 34 -3.82 31.82 -16.28
C TYR B 34 -4.97 32.31 -15.41
N LEU B 35 -5.86 31.39 -15.05
CA LEU B 35 -7.01 31.70 -14.22
C LEU B 35 -6.95 30.95 -12.90
N ALA B 36 -7.31 31.64 -11.82
CA ALA B 36 -7.38 31.04 -10.49
C ALA B 36 -8.49 31.72 -9.67
N SER B 37 -8.39 31.70 -8.34
CA SER B 37 -9.37 32.37 -7.51
C SER B 37 -8.97 33.81 -7.25
N ALA B 38 -9.77 34.51 -6.45
CA ALA B 38 -9.50 35.90 -6.08
C ALA B 38 -8.14 36.09 -5.38
N ARG B 39 -7.73 35.12 -4.57
CA ARG B 39 -6.51 35.29 -3.78
C ARG B 39 -5.21 35.23 -4.59
N SER B 40 -5.25 34.62 -5.77
CA SER B 40 -4.10 34.60 -6.68
C SER B 40 -4.17 35.68 -7.77
N ALA B 41 -5.34 36.27 -7.95
CA ALA B 41 -5.54 37.32 -8.96
C ALA B 41 -4.56 38.47 -8.77
N GLY B 42 -3.86 38.83 -9.85
CA GLY B 42 -2.87 39.90 -9.80
C GLY B 42 -1.43 39.42 -9.76
N LYS B 43 -1.22 38.21 -9.23
CA LYS B 43 0.12 37.62 -9.20
C LYS B 43 0.58 37.20 -10.59
N SER B 44 1.86 36.92 -10.73
CA SER B 44 2.45 36.55 -12.02
C SER B 44 3.10 35.17 -12.00
N LEU B 45 2.85 34.40 -13.05
CA LEU B 45 3.52 33.12 -13.29
C LEU B 45 4.09 33.07 -14.70
N LYS B 46 5.14 32.28 -14.87
CA LYS B 46 5.81 32.14 -16.16
C LYS B 46 5.10 31.18 -17.11
N PHE B 47 5.10 31.53 -18.39
CA PHE B 47 4.93 30.56 -19.46
C PHE B 47 6.13 30.70 -20.37
N LYS B 48 7.02 29.70 -20.32
CA LYS B 48 8.36 29.79 -20.90
C LYS B 48 9.06 31.04 -20.35
N ASP B 49 9.38 31.99 -21.20
CA ASP B 49 10.06 33.21 -20.77
C ASP B 49 9.11 34.37 -20.46
N GLN B 50 7.82 34.18 -20.75
CA GLN B 50 6.82 35.24 -20.63
C GLN B 50 6.23 35.35 -19.22
N ASP B 51 5.91 36.59 -18.82
CA ASP B 51 5.21 36.85 -17.57
C ASP B 51 3.71 36.90 -17.82
N ILE B 52 2.96 36.03 -17.16
CA ILE B 52 1.50 35.99 -17.31
C ILE B 52 0.83 36.40 -16.01
N THR B 53 -0.03 37.41 -16.10
CA THR B 53 -0.81 37.87 -14.95
C THR B 53 -1.99 36.94 -14.70
N ILE B 54 -2.04 36.39 -13.48
CA ILE B 54 -3.13 35.52 -13.05
C ILE B 54 -4.42 36.34 -12.90
N GLU B 55 -5.49 35.84 -13.53
CA GLU B 55 -6.80 36.50 -13.49
C GLU B 55 -7.75 35.71 -12.59
N GLU B 56 -8.72 36.41 -12.01
CA GLU B 56 -9.80 35.76 -11.27
C GLU B 56 -10.78 35.12 -12.26
N THR B 57 -11.15 33.86 -11.98
CA THR B 57 -12.09 33.13 -12.82
C THR B 57 -13.51 33.66 -12.59
N THR B 58 -14.14 34.08 -13.69
CA THR B 58 -15.53 34.56 -13.68
C THR B 58 -16.32 33.95 -14.83
N GLU B 59 -17.64 34.18 -14.82
CA GLU B 59 -18.52 33.71 -15.88
C GLU B 59 -18.26 34.42 -17.22
N THR B 60 -17.53 35.54 -17.17
CA THR B 60 -17.26 36.36 -18.35
C THR B 60 -15.78 36.33 -18.76
N ALA B 61 -15.00 35.44 -18.14
CA ALA B 61 -13.55 35.40 -18.33
C ALA B 61 -13.08 34.53 -19.50
N PHE B 62 -14.02 33.98 -20.27
CA PHE B 62 -13.68 33.00 -21.29
C PHE B 62 -13.90 33.46 -22.75
N GLU B 63 -14.11 34.76 -22.94
CA GLU B 63 -14.28 35.31 -24.29
C GLU B 63 -12.97 35.21 -25.08
N GLY B 64 -13.07 34.68 -26.30
CA GLY B 64 -11.91 34.51 -27.18
C GLY B 64 -11.06 33.28 -26.91
N VAL B 65 -11.41 32.53 -25.86
CA VAL B 65 -10.67 31.33 -25.47
C VAL B 65 -11.12 30.14 -26.32
N ASP B 66 -10.16 29.44 -26.92
CA ASP B 66 -10.43 28.25 -27.72
C ASP B 66 -10.47 26.99 -26.86
N ILE B 67 -9.47 26.82 -25.99
CA ILE B 67 -9.33 25.66 -25.12
C ILE B 67 -9.12 26.10 -23.67
N ALA B 68 -9.88 25.52 -22.76
CA ALA B 68 -9.68 25.75 -21.33
C ALA B 68 -9.45 24.44 -20.58
N LEU B 69 -8.34 24.36 -19.86
CA LEU B 69 -8.02 23.20 -19.03
C LEU B 69 -8.33 23.53 -17.58
N PHE B 70 -9.29 22.79 -17.01
CA PHE B 70 -9.76 23.03 -15.65
C PHE B 70 -9.13 22.05 -14.67
N SER B 71 -8.60 22.58 -13.58
CA SER B 71 -8.23 21.77 -12.42
C SER B 71 -8.21 22.65 -11.16
N ALA B 72 -9.40 23.08 -10.77
CA ALA B 72 -9.56 24.01 -9.65
C ALA B 72 -10.63 23.52 -8.67
N GLY B 73 -10.87 22.21 -8.68
CA GLY B 73 -11.89 21.60 -7.83
C GLY B 73 -13.24 21.51 -8.53
N SER B 74 -14.06 20.55 -8.10
CA SER B 74 -15.37 20.28 -8.68
C SER B 74 -16.30 21.49 -8.72
N SER B 75 -16.31 22.28 -7.64
CA SER B 75 -17.18 23.46 -7.52
C SER B 75 -16.85 24.52 -8.57
N THR B 76 -15.56 24.71 -8.84
CA THR B 76 -15.12 25.67 -9.84
C THR B 76 -15.59 25.26 -11.25
N SER B 77 -15.46 23.98 -11.57
CA SER B 77 -15.91 23.46 -12.86
C SER B 77 -17.44 23.57 -12.98
N ALA B 78 -18.15 23.24 -11.91
CA ALA B 78 -19.61 23.35 -11.86
C ALA B 78 -20.08 24.78 -12.15
N LYS B 79 -19.36 25.75 -11.61
CA LYS B 79 -19.71 27.16 -11.74
C LYS B 79 -19.37 27.75 -13.10
N TYR B 80 -18.17 27.47 -13.59
CA TYR B 80 -17.61 28.22 -14.71
C TYR B 80 -17.51 27.49 -16.05
N ALA B 81 -17.38 26.17 -16.02
CA ALA B 81 -17.26 25.39 -17.26
C ALA B 81 -18.45 25.55 -18.23
N PRO B 82 -19.70 25.57 -17.70
CA PRO B 82 -20.83 25.80 -18.61
C PRO B 82 -20.82 27.18 -19.27
N TYR B 83 -20.32 28.21 -18.56
CA TYR B 83 -20.16 29.54 -19.13
C TYR B 83 -19.06 29.59 -20.19
N ALA B 84 -18.03 28.76 -20.02
CA ALA B 84 -16.99 28.60 -21.03
C ALA B 84 -17.56 27.95 -22.29
N VAL B 85 -18.34 26.87 -22.11
CA VAL B 85 -18.98 26.19 -23.24
C VAL B 85 -19.90 27.15 -23.99
N LYS B 86 -20.70 27.92 -23.24
CA LYS B 86 -21.58 28.94 -23.83
C LYS B 86 -20.80 29.98 -24.65
N ALA B 87 -19.61 30.33 -24.19
CA ALA B 87 -18.76 31.31 -24.87
C ALA B 87 -18.13 30.78 -26.17
N GLY B 88 -18.05 29.45 -26.30
CA GLY B 88 -17.47 28.83 -27.49
C GLY B 88 -16.20 28.03 -27.23
N VAL B 89 -15.88 27.84 -25.96
CA VAL B 89 -14.67 27.12 -25.55
C VAL B 89 -14.89 25.59 -25.62
N VAL B 90 -13.81 24.85 -25.84
CA VAL B 90 -13.81 23.42 -25.56
C VAL B 90 -13.06 23.15 -24.24
N VAL B 91 -13.78 22.59 -23.28
CA VAL B 91 -13.27 22.40 -21.92
C VAL B 91 -12.74 20.98 -21.71
N VAL B 92 -11.50 20.88 -21.23
CA VAL B 92 -10.97 19.62 -20.74
C VAL B 92 -10.93 19.72 -19.22
N ASP B 93 -11.78 18.93 -18.56
CA ASP B 93 -12.02 19.08 -17.13
C ASP B 93 -11.42 17.98 -16.26
N ASN B 94 -10.49 18.38 -15.40
CA ASN B 94 -9.88 17.45 -14.44
C ASN B 94 -10.56 17.48 -13.08
N THR B 95 -11.89 17.28 -13.09
CA THR B 95 -12.66 17.10 -11.87
C THR B 95 -13.63 15.96 -12.08
N SER B 96 -14.28 15.51 -11.00
CA SER B 96 -15.26 14.44 -11.05
C SER B 96 -16.65 14.93 -11.43
N TYR B 97 -16.84 16.24 -11.53
CA TYR B 97 -18.18 16.81 -11.64
C TYR B 97 -18.99 16.35 -12.86
N PHE B 98 -18.36 16.33 -14.04
CA PHE B 98 -19.06 16.00 -15.28
C PHE B 98 -18.83 14.58 -15.79
N ARG B 99 -18.04 13.79 -15.05
CA ARG B 99 -17.58 12.49 -15.52
C ARG B 99 -18.69 11.49 -15.87
N GLN B 100 -19.77 11.50 -15.10
CA GLN B 100 -20.84 10.51 -15.30
C GLN B 100 -22.05 11.09 -16.04
N ASN B 101 -21.83 12.20 -16.74
CA ASN B 101 -22.82 12.82 -17.61
C ASN B 101 -22.74 12.18 -18.99
N PRO B 102 -23.87 11.62 -19.48
CA PRO B 102 -23.92 10.95 -20.79
C PRO B 102 -23.53 11.84 -21.98
N ASP B 103 -23.62 13.15 -21.81
CA ASP B 103 -23.23 14.13 -22.84
C ASP B 103 -21.75 14.51 -22.75
N VAL B 104 -21.02 13.87 -21.84
CA VAL B 104 -19.61 14.17 -21.63
C VAL B 104 -18.74 12.94 -21.85
N PRO B 105 -17.82 13.01 -22.83
CA PRO B 105 -16.81 11.96 -23.02
C PRO B 105 -15.83 11.92 -21.85
N LEU B 106 -15.60 10.71 -21.31
CA LEU B 106 -14.64 10.49 -20.25
C LEU B 106 -13.46 9.73 -20.85
N VAL B 107 -12.39 10.46 -21.19
CA VAL B 107 -11.40 9.97 -22.14
C VAL B 107 -10.00 9.71 -21.59
N VAL B 108 -9.49 8.52 -21.91
CA VAL B 108 -8.06 8.23 -21.91
C VAL B 108 -7.74 7.97 -23.37
N PRO B 109 -6.95 8.86 -24.01
CA PRO B 109 -6.77 8.86 -25.48
C PRO B 109 -6.33 7.52 -26.08
N GLU B 110 -5.50 6.77 -25.37
CA GLU B 110 -5.03 5.45 -25.84
C GLU B 110 -6.14 4.40 -25.79
N VAL B 111 -7.17 4.67 -25.00
CA VAL B 111 -8.24 3.70 -24.77
C VAL B 111 -9.51 4.03 -25.54
N ASN B 112 -10.02 5.26 -25.38
CA ASN B 112 -11.30 5.65 -25.97
C ASN B 112 -11.32 7.04 -26.62
N ALA B 113 -10.32 7.30 -27.46
CA ALA B 113 -10.24 8.56 -28.21
C ALA B 113 -11.44 8.77 -29.13
N HIS B 114 -12.04 7.68 -29.59
CA HIS B 114 -13.22 7.72 -30.45
C HIS B 114 -14.40 8.49 -29.82
N ALA B 115 -14.46 8.49 -28.49
CA ALA B 115 -15.54 9.16 -27.75
C ALA B 115 -15.46 10.69 -27.82
N LEU B 116 -14.30 11.21 -28.24
CA LEU B 116 -14.09 12.64 -28.39
C LEU B 116 -14.93 13.27 -29.50
N ASP B 117 -15.16 12.50 -30.56
CA ASP B 117 -15.81 13.00 -31.78
C ASP B 117 -17.16 13.67 -31.55
N ALA B 118 -17.95 13.11 -30.64
CA ALA B 118 -19.30 13.62 -30.36
C ALA B 118 -19.38 14.47 -29.10
N HIS B 119 -18.26 15.10 -28.74
CA HIS B 119 -18.23 15.96 -27.55
C HIS B 119 -19.14 17.18 -27.69
N ASN B 120 -19.67 17.63 -26.55
CA ASN B 120 -20.58 18.77 -26.49
C ASN B 120 -19.96 19.95 -25.75
N GLY B 121 -18.64 20.07 -25.84
CA GLY B 121 -17.92 21.21 -25.27
C GLY B 121 -17.14 20.91 -24.00
N ILE B 122 -17.42 19.76 -23.37
CA ILE B 122 -16.71 19.32 -22.18
C ILE B 122 -16.20 17.89 -22.37
N ILE B 123 -14.90 17.71 -22.17
CA ILE B 123 -14.31 16.38 -22.09
C ILE B 123 -13.74 16.22 -20.68
N ALA B 124 -14.17 15.17 -19.98
CA ALA B 124 -13.71 14.93 -18.63
C ALA B 124 -12.45 14.08 -18.60
N CYS B 125 -11.44 14.57 -17.91
CA CYS B 125 -10.27 13.77 -17.58
C CYS B 125 -10.64 12.89 -16.39
N PRO B 126 -10.41 11.56 -16.50
CA PRO B 126 -10.79 10.66 -15.40
C PRO B 126 -9.95 10.88 -14.15
N ASN B 127 -10.33 10.22 -13.06
CA ASN B 127 -9.58 10.25 -11.80
C ASN B 127 -8.17 9.71 -12.00
N CYS B 128 -7.19 10.29 -11.31
CA CYS B 128 -5.78 9.92 -11.51
C CYS B 128 -5.50 8.44 -11.25
N SER B 129 -6.10 7.91 -10.20
CA SER B 129 -5.99 6.48 -9.86
C SER B 129 -6.63 5.59 -10.92
N THR B 130 -7.68 6.08 -11.57
CA THR B 130 -8.36 5.32 -12.63
C THR B 130 -7.51 5.24 -13.90
N ILE B 131 -6.96 6.38 -14.33
CA ILE B 131 -6.28 6.47 -15.63
C ILE B 131 -5.18 5.43 -15.80
N GLN B 132 -4.25 5.37 -14.86
CA GLN B 132 -3.12 4.44 -14.97
C GLN B 132 -3.55 2.98 -15.04
N MET B 133 -4.62 2.62 -14.32
CA MET B 133 -5.18 1.27 -14.36
C MET B 133 -5.76 0.95 -15.75
N MET B 134 -6.40 1.94 -16.36
CA MET B 134 -6.98 1.81 -17.69
C MET B 134 -5.92 1.62 -18.77
N VAL B 135 -4.79 2.30 -18.63
CA VAL B 135 -3.65 2.17 -19.54
C VAL B 135 -3.04 0.76 -19.47
N ALA B 136 -2.91 0.24 -18.26
CA ALA B 136 -2.31 -1.08 -18.05
C ALA B 136 -3.23 -2.20 -18.55
N LEU B 137 -4.53 -2.07 -18.30
CA LEU B 137 -5.48 -3.16 -18.51
C LEU B 137 -6.15 -3.22 -19.88
N GLU B 138 -6.22 -2.09 -20.58
CA GLU B 138 -6.87 -2.05 -21.89
C GLU B 138 -6.29 -3.04 -22.91
N PRO B 139 -4.93 -3.14 -23.01
CA PRO B 139 -4.35 -4.13 -23.92
C PRO B 139 -4.69 -5.57 -23.55
N VAL B 140 -4.90 -5.81 -22.26
CA VAL B 140 -5.30 -7.13 -21.76
C VAL B 140 -6.77 -7.40 -22.12
N ARG B 141 -7.63 -6.42 -21.86
CA ARG B 141 -9.05 -6.52 -22.20
C ARG B 141 -9.28 -6.79 -23.69
N GLN B 142 -8.54 -6.08 -24.55
CA GLN B 142 -8.66 -6.21 -26.01
C GLN B 142 -8.44 -7.64 -26.49
N LYS B 143 -7.51 -8.36 -25.88
CA LYS B 143 -7.13 -9.70 -26.31
C LYS B 143 -7.82 -10.83 -25.55
N TRP B 144 -8.02 -10.66 -24.25
CA TRP B 144 -8.53 -11.76 -23.42
C TRP B 144 -9.79 -11.44 -22.60
N GLY B 145 -10.25 -10.19 -22.69
CA GLY B 145 -11.42 -9.74 -21.93
C GLY B 145 -11.12 -9.48 -20.46
N LEU B 146 -12.05 -8.82 -19.79
CA LEU B 146 -11.95 -8.58 -18.34
C LEU B 146 -13.27 -8.92 -17.67
N ASP B 147 -13.23 -9.87 -16.74
CA ASP B 147 -14.40 -10.24 -15.97
C ASP B 147 -14.50 -9.39 -14.71
N ARG B 148 -13.39 -9.28 -13.98
CA ARG B 148 -13.37 -8.51 -12.73
C ARG B 148 -12.03 -7.87 -12.44
N ILE B 149 -12.06 -6.84 -11.59
CA ILE B 149 -10.87 -6.16 -11.09
C ILE B 149 -11.01 -6.00 -9.57
N ILE B 150 -9.98 -6.39 -8.85
CA ILE B 150 -9.81 -6.01 -7.45
C ILE B 150 -8.52 -5.20 -7.35
N VAL B 151 -8.62 -4.00 -6.79
CA VAL B 151 -7.45 -3.12 -6.69
C VAL B 151 -7.26 -2.52 -5.29
N SER B 152 -6.02 -2.56 -4.82
CA SER B 152 -5.60 -1.84 -3.62
C SER B 152 -4.56 -0.81 -4.03
N THR B 153 -4.79 0.46 -3.70
CA THR B 153 -3.93 1.54 -4.17
C THR B 153 -2.97 2.05 -3.10
N TYR B 154 -1.88 2.65 -3.57
CA TYR B 154 -0.83 3.21 -2.73
C TYR B 154 -0.62 4.62 -3.27
N GLN B 155 -1.47 5.55 -2.85
CA GLN B 155 -1.59 6.84 -3.49
C GLN B 155 -0.78 7.97 -2.85
N ALA B 156 -0.22 8.82 -3.70
CA ALA B 156 0.57 9.98 -3.31
C ALA B 156 -0.29 11.16 -2.86
N VAL B 157 0.27 12.00 -1.99
CA VAL B 157 -0.47 13.10 -1.36
C VAL B 157 -0.75 14.28 -2.31
N SER B 158 0.03 14.40 -3.39
CA SER B 158 -0.18 15.48 -4.35
C SER B 158 -1.57 15.43 -5.00
N GLY B 159 -2.18 14.25 -4.99
CA GLY B 159 -3.55 14.07 -5.45
C GLY B 159 -4.55 14.92 -4.68
N ALA B 160 -4.25 15.18 -3.40
CA ALA B 160 -5.11 16.02 -2.56
C ALA B 160 -4.74 17.50 -2.60
N GLY B 161 -3.76 17.86 -3.44
CA GLY B 161 -3.43 19.27 -3.69
C GLY B 161 -2.19 19.79 -3.00
N MET B 162 -1.85 21.04 -3.32
CA MET B 162 -0.62 21.70 -2.85
C MET B 162 -0.46 21.69 -1.33
N GLY B 163 -1.54 21.99 -0.62
CA GLY B 163 -1.54 22.00 0.84
C GLY B 163 -1.18 20.66 1.46
N ALA B 164 -1.68 19.58 0.87
CA ALA B 164 -1.40 18.23 1.34
C ALA B 164 0.08 17.86 1.20
N ILE B 165 0.70 18.29 0.11
CA ILE B 165 2.14 18.13 -0.09
C ILE B 165 2.91 18.79 1.05
N LEU B 166 2.61 20.07 1.30
CA LEU B 166 3.26 20.84 2.34
C LEU B 166 3.03 20.27 3.74
N GLU B 167 1.80 19.83 4.01
CA GLU B 167 1.47 19.16 5.27
C GLU B 167 2.32 17.91 5.48
N THR B 168 2.47 17.11 4.43
CA THR B 168 3.26 15.88 4.48
C THR B 168 4.73 16.17 4.78
N GLN B 169 5.30 17.14 4.07
CA GLN B 169 6.69 17.53 4.27
C GLN B 169 6.93 18.07 5.69
N ARG B 170 6.01 18.92 6.15
CA ARG B 170 6.06 19.49 7.50
C ARG B 170 6.07 18.40 8.58
N GLU B 171 5.11 17.48 8.47
CA GLU B 171 4.96 16.38 9.42
C GLU B 171 6.21 15.50 9.51
N LEU B 172 6.78 15.16 8.35
CA LEU B 172 7.99 14.34 8.29
C LEU B 172 9.18 15.07 8.89
N ARG B 173 9.29 16.37 8.60
CA ARG B 173 10.34 17.21 9.17
C ARG B 173 10.23 17.32 10.69
N GLU B 174 9.00 17.41 11.19
CA GLU B 174 8.75 17.45 12.63
C GLU B 174 9.16 16.16 13.32
N VAL B 175 8.88 15.02 12.69
CA VAL B 175 9.25 13.71 13.24
C VAL B 175 10.76 13.50 13.18
N LEU B 176 11.34 13.72 12.01
CA LEU B 176 12.73 13.36 11.75
C LEU B 176 13.76 14.36 12.29
N ASN B 177 13.39 15.64 12.32
CA ASN B 177 14.31 16.69 12.78
C ASN B 177 14.07 17.14 14.22
N ASP B 178 12.79 17.24 14.61
CA ASP B 178 12.42 17.70 15.95
C ASP B 178 12.18 16.56 16.94
N GLY B 179 12.02 15.34 16.42
CA GLY B 179 11.80 14.16 17.26
C GLY B 179 10.37 14.03 17.79
N VAL B 180 9.43 14.63 17.07
CA VAL B 180 8.00 14.54 17.42
C VAL B 180 7.48 13.12 17.11
N LYS B 181 6.65 12.61 18.00
CA LYS B 181 6.00 11.31 17.80
C LYS B 181 4.85 11.44 16.79
N PRO B 182 4.78 10.51 15.81
CA PRO B 182 3.75 10.51 14.78
C PRO B 182 2.33 10.71 15.30
N CYS B 183 2.02 10.09 16.45
CA CYS B 183 0.71 10.21 17.09
C CYS B 183 0.39 11.62 17.56
N ASP B 184 1.43 12.38 17.88
CA ASP B 184 1.28 13.72 18.44
C ASP B 184 1.25 14.82 17.37
N LEU B 185 1.40 14.42 16.11
CA LEU B 185 1.34 15.36 14.98
C LEU B 185 -0.06 15.94 14.83
N HIS B 186 -0.11 17.21 14.43
CA HIS B 186 -1.37 17.88 14.15
C HIS B 186 -1.57 18.01 12.64
N ALA B 187 -2.67 17.45 12.15
CA ALA B 187 -3.01 17.50 10.73
C ALA B 187 -4.21 18.40 10.48
N GLU B 188 -4.26 19.02 9.31
CA GLU B 188 -5.35 19.93 8.95
C GLU B 188 -6.10 19.53 7.67
N ILE B 189 -5.44 18.78 6.80
CA ILE B 189 -6.03 18.44 5.49
C ILE B 189 -6.35 16.94 5.35
N LEU B 190 -5.31 16.12 5.33
CA LEU B 190 -5.45 14.68 5.09
C LEU B 190 -6.17 13.97 6.24
N PRO B 191 -6.91 12.87 5.94
CA PRO B 191 -7.08 12.19 4.64
C PRO B 191 -7.91 12.96 3.62
N SER B 192 -8.87 13.76 4.08
CA SER B 192 -9.78 14.48 3.20
C SER B 192 -10.11 15.86 3.76
N GLY B 193 -9.64 16.89 3.05
CA GLY B 193 -9.80 18.29 3.47
C GLY B 193 -11.21 18.68 3.89
N GLY B 194 -12.20 18.21 3.14
CA GLY B 194 -13.60 18.53 3.40
C GLY B 194 -14.23 17.81 4.60
N ASP B 195 -13.70 16.63 4.93
CA ASP B 195 -14.28 15.80 5.99
C ASP B 195 -14.04 16.39 7.38
N LYS B 196 -14.68 15.79 8.39
CA LYS B 196 -14.70 16.35 9.75
C LYS B 196 -13.38 16.21 10.51
N LYS B 197 -12.71 15.06 10.35
CA LYS B 197 -11.52 14.75 11.12
C LYS B 197 -10.28 14.60 10.25
N HIS B 198 -9.12 15.01 10.79
CA HIS B 198 -7.88 14.98 10.04
C HIS B 198 -6.79 14.21 10.78
N TYR B 199 -6.05 13.40 10.03
CA TYR B 199 -5.04 12.50 10.62
C TYR B 199 -3.66 12.69 9.99
N PRO B 200 -2.60 12.42 10.76
CA PRO B 200 -1.23 12.45 10.23
C PRO B 200 -1.00 11.39 9.15
N ILE B 201 -0.20 11.72 8.15
CA ILE B 201 0.16 10.80 7.07
C ILE B 201 1.59 10.27 7.25
N ALA B 202 2.43 11.06 7.94
CA ALA B 202 3.82 10.69 8.19
C ALA B 202 3.92 9.32 8.87
N PHE B 203 4.67 8.41 8.26
CA PHE B 203 4.86 7.04 8.76
C PHE B 203 3.54 6.33 9.03
N ASN B 204 2.53 6.65 8.21
CA ASN B 204 1.20 6.12 8.35
C ASN B 204 0.65 5.68 7.00
N ALA B 205 -0.42 4.87 7.03
CA ALA B 205 -1.16 4.51 5.83
C ALA B 205 -2.64 4.69 6.11
N LEU B 206 -3.24 5.66 5.43
CA LEU B 206 -4.63 6.04 5.68
C LEU B 206 -5.60 5.45 4.66
N PRO B 207 -6.43 4.47 5.09
CA PRO B 207 -7.39 3.82 4.19
C PRO B 207 -8.64 4.68 3.96
N GLN B 208 -8.43 5.97 3.71
CA GLN B 208 -9.51 6.87 3.30
C GLN B 208 -8.99 7.91 2.33
N ILE B 209 -9.62 7.94 1.15
CA ILE B 209 -9.40 9.00 0.17
C ILE B 209 -10.78 9.48 -0.25
N ASP B 210 -10.99 10.79 -0.13
CA ASP B 210 -12.31 11.42 -0.30
C ASP B 210 -13.23 11.04 0.88
N VAL B 211 -14.51 11.39 0.77
CA VAL B 211 -15.48 11.08 1.83
C VAL B 211 -16.10 9.70 1.64
N PHE B 212 -16.67 9.16 2.72
CA PHE B 212 -17.37 7.88 2.65
C PHE B 212 -18.73 8.04 1.97
N THR B 213 -19.12 7.05 1.17
CA THR B 213 -20.45 7.00 0.58
C THR B 213 -21.32 6.04 1.40
N ASP B 214 -22.60 5.98 1.08
CA ASP B 214 -23.56 5.20 1.89
C ASP B 214 -23.42 3.67 1.80
N ASN B 215 -22.49 3.18 0.97
CA ASN B 215 -22.20 1.75 0.93
C ASN B 215 -20.89 1.38 1.64
N ASP B 216 -20.33 2.34 2.40
CA ASP B 216 -19.10 2.16 3.18
C ASP B 216 -17.80 2.09 2.36
N TYR B 217 -17.93 2.18 1.03
CA TYR B 217 -16.79 2.47 0.16
C TYR B 217 -16.68 3.98 0.06
N THR B 218 -15.45 4.49 -0.09
CA THR B 218 -15.26 5.94 -0.27
C THR B 218 -15.59 6.35 -1.70
N TYR B 219 -15.73 7.65 -1.92
CA TYR B 219 -16.04 8.18 -3.25
C TYR B 219 -14.91 7.93 -4.26
N GLU B 220 -13.67 7.91 -3.77
CA GLU B 220 -12.50 7.55 -4.59
C GLU B 220 -12.60 6.10 -5.09
N GLU B 221 -12.93 5.20 -4.18
CA GLU B 221 -13.11 3.79 -4.51
C GLU B 221 -14.26 3.61 -5.52
N MET B 222 -15.36 4.35 -5.31
CA MET B 222 -16.52 4.26 -6.19
C MET B 222 -16.31 4.91 -7.56
N LYS B 223 -15.47 5.95 -7.59
CA LYS B 223 -15.09 6.57 -8.86
C LYS B 223 -14.26 5.61 -9.72
N MET B 224 -13.35 4.88 -9.09
CA MET B 224 -12.57 3.85 -9.80
C MET B 224 -13.48 2.79 -10.41
N THR B 225 -14.52 2.41 -9.66
CA THR B 225 -15.51 1.46 -10.12
C THR B 225 -16.29 2.00 -11.32
N LYS B 226 -16.93 3.16 -11.14
CA LYS B 226 -17.82 3.74 -12.15
C LYS B 226 -17.12 4.29 -13.38
N GLU B 227 -15.92 4.84 -13.21
CA GLU B 227 -15.15 5.38 -14.34
C GLU B 227 -14.63 4.26 -15.24
N THR B 228 -14.17 3.17 -14.64
CA THR B 228 -13.73 1.99 -15.38
C THR B 228 -14.81 1.50 -16.35
N LYS B 229 -16.02 1.35 -15.83
CA LYS B 229 -17.16 0.85 -16.60
C LYS B 229 -17.48 1.76 -17.79
N LYS B 230 -17.42 3.08 -17.57
CA LYS B 230 -17.69 4.05 -18.65
C LYS B 230 -16.58 4.14 -19.70
N ILE B 231 -15.32 4.17 -19.24
CA ILE B 231 -14.17 4.27 -20.14
C ILE B 231 -14.07 3.03 -21.03
N MET B 232 -14.23 1.86 -20.42
CA MET B 232 -14.18 0.60 -21.16
C MET B 232 -15.52 0.22 -21.80
N GLU B 233 -16.53 1.07 -21.59
CA GLU B 233 -17.87 0.90 -22.17
C GLU B 233 -18.41 -0.51 -21.94
N ASP B 234 -18.35 -0.96 -20.68
CA ASP B 234 -18.78 -2.30 -20.29
C ASP B 234 -19.16 -2.30 -18.81
N ASP B 235 -20.45 -2.18 -18.54
CA ASP B 235 -20.98 -2.18 -17.18
C ASP B 235 -20.87 -3.53 -16.47
N SER B 236 -20.55 -4.59 -17.23
CA SER B 236 -20.47 -5.94 -16.66
C SER B 236 -19.14 -6.23 -15.98
N ILE B 237 -18.14 -5.37 -16.20
CA ILE B 237 -16.84 -5.52 -15.53
C ILE B 237 -16.99 -5.23 -14.05
N ALA B 238 -16.80 -6.26 -13.23
CA ALA B 238 -16.88 -6.15 -11.78
C ALA B 238 -15.64 -5.46 -11.21
N VAL B 239 -15.84 -4.35 -10.51
CA VAL B 239 -14.72 -3.59 -9.93
C VAL B 239 -14.97 -3.21 -8.47
N SER B 240 -14.04 -3.59 -7.61
CA SER B 240 -14.04 -3.18 -6.22
C SER B 240 -12.64 -2.71 -5.84
N ALA B 241 -12.56 -1.60 -5.12
CA ALA B 241 -11.29 -0.95 -4.81
C ALA B 241 -11.12 -0.66 -3.33
N THR B 242 -9.86 -0.68 -2.88
CA THR B 242 -9.47 -0.11 -1.60
C THR B 242 -8.40 0.94 -1.85
N CYS B 243 -8.71 2.19 -1.51
CA CYS B 243 -7.83 3.31 -1.81
C CYS B 243 -7.18 3.89 -0.56
N VAL B 244 -5.85 3.80 -0.52
CA VAL B 244 -5.07 4.15 0.67
C VAL B 244 -4.02 5.21 0.34
N ARG B 245 -3.94 6.23 1.19
CA ARG B 245 -2.88 7.24 1.09
C ARG B 245 -1.64 6.76 1.85
N ILE B 246 -0.48 6.89 1.22
CA ILE B 246 0.80 6.57 1.86
C ILE B 246 1.75 7.78 1.81
N PRO B 247 2.86 7.76 2.58
CA PRO B 247 3.82 8.88 2.59
C PRO B 247 4.66 8.99 1.30
N VAL B 248 4.00 9.40 0.22
CA VAL B 248 4.65 9.64 -1.07
C VAL B 248 4.09 10.96 -1.59
N LEU B 249 4.95 11.79 -2.18
CA LEU B 249 4.52 13.09 -2.70
C LEU B 249 3.91 12.97 -4.09
N SER B 250 4.60 12.27 -4.99
CA SER B 250 4.12 12.10 -6.37
C SER B 250 4.26 10.66 -6.88
N ALA B 251 3.30 10.27 -7.70
CA ALA B 251 3.20 8.95 -8.35
C ALA B 251 2.41 7.94 -7.52
N HIS B 252 1.28 7.50 -8.09
CA HIS B 252 0.46 6.45 -7.49
C HIS B 252 0.99 5.07 -7.86
N SER B 253 0.89 4.14 -6.92
CA SER B 253 1.17 2.74 -7.16
C SER B 253 -0.10 1.93 -6.89
N GLU B 254 -0.33 0.88 -7.68
CA GLU B 254 -1.53 0.05 -7.51
C GLU B 254 -1.24 -1.45 -7.63
N SER B 255 -1.71 -2.20 -6.66
CA SER B 255 -1.71 -3.66 -6.74
C SER B 255 -3.02 -4.09 -7.39
N VAL B 256 -2.92 -4.55 -8.63
CA VAL B 256 -4.10 -4.83 -9.44
C VAL B 256 -4.30 -6.33 -9.67
N TYR B 257 -5.45 -6.83 -9.25
CA TYR B 257 -5.86 -8.19 -9.55
C TYR B 257 -6.96 -8.19 -10.60
N ILE B 258 -6.79 -9.01 -11.62
CA ILE B 258 -7.81 -9.19 -12.65
C ILE B 258 -8.14 -10.66 -12.86
N GLU B 259 -9.35 -10.91 -13.34
CA GLU B 259 -9.70 -12.19 -13.94
C GLU B 259 -10.19 -11.92 -15.35
N THR B 260 -9.49 -12.52 -16.31
CA THR B 260 -9.82 -12.37 -17.73
C THR B 260 -10.98 -13.28 -18.12
N LYS B 261 -11.55 -13.07 -19.30
CA LYS B 261 -12.59 -13.96 -19.82
C LYS B 261 -11.98 -15.24 -20.41
N GLU B 262 -10.87 -15.08 -21.11
CA GLU B 262 -10.11 -16.21 -21.65
C GLU B 262 -8.73 -16.27 -20.99
N VAL B 263 -8.18 -17.47 -20.85
CA VAL B 263 -6.87 -17.65 -20.22
C VAL B 263 -5.81 -16.85 -20.95
N ALA B 264 -5.13 -15.97 -20.20
CA ALA B 264 -4.17 -15.04 -20.76
C ALA B 264 -2.75 -15.41 -20.34
N PRO B 265 -1.99 -16.07 -21.24
CA PRO B 265 -0.61 -16.47 -20.96
C PRO B 265 0.22 -15.27 -20.56
N ILE B 266 0.91 -15.37 -19.41
CA ILE B 266 1.63 -14.24 -18.83
C ILE B 266 2.66 -13.61 -19.78
N GLU B 267 3.40 -14.46 -20.50
CA GLU B 267 4.41 -13.96 -21.44
C GLU B 267 3.77 -13.15 -22.57
N GLU B 268 2.57 -13.55 -22.99
CA GLU B 268 1.79 -12.78 -23.98
C GLU B 268 1.19 -11.52 -23.37
N VAL B 269 0.82 -11.58 -22.09
CA VAL B 269 0.29 -10.43 -21.37
C VAL B 269 1.35 -9.33 -21.28
N LYS B 270 2.58 -9.73 -20.90
CA LYS B 270 3.72 -8.82 -20.84
C LYS B 270 3.95 -8.13 -22.19
N ALA B 271 3.95 -8.91 -23.26
CA ALA B 271 4.13 -8.40 -24.62
C ALA B 271 3.03 -7.42 -25.02
N ALA B 272 1.78 -7.77 -24.70
CA ALA B 272 0.62 -6.94 -25.04
C ALA B 272 0.66 -5.58 -24.36
N ILE B 273 1.10 -5.56 -23.10
CA ILE B 273 1.25 -4.32 -22.36
C ILE B 273 2.38 -3.45 -22.92
N ALA B 274 3.54 -4.06 -23.17
CA ALA B 274 4.70 -3.35 -23.74
C ALA B 274 4.42 -2.74 -25.12
N ALA B 275 3.49 -3.34 -25.87
CA ALA B 275 3.13 -2.88 -27.20
C ALA B 275 2.05 -1.79 -27.18
N PHE B 276 1.43 -1.59 -26.03
CA PHE B 276 0.33 -0.64 -25.90
C PHE B 276 0.85 0.78 -25.65
N PRO B 277 0.45 1.75 -26.49
CA PRO B 277 0.90 3.14 -26.35
C PRO B 277 0.59 3.69 -24.95
N GLY B 278 1.58 4.35 -24.36
CA GLY B 278 1.44 4.93 -23.02
C GLY B 278 1.82 4.00 -21.90
N ALA B 279 1.97 2.70 -22.21
CA ALA B 279 2.35 1.71 -21.22
C ALA B 279 3.76 1.18 -21.46
N VAL B 280 4.55 1.12 -20.40
CA VAL B 280 5.91 0.58 -20.48
C VAL B 280 6.04 -0.62 -19.55
N LEU B 281 6.57 -1.72 -20.10
CA LEU B 281 6.84 -2.91 -19.30
C LEU B 281 8.14 -2.76 -18.54
N GLU B 282 8.05 -2.79 -17.22
CA GLU B 282 9.21 -2.87 -16.35
C GLU B 282 9.06 -4.11 -15.48
N ASP B 283 9.47 -5.25 -16.04
CA ASP B 283 9.23 -6.54 -15.42
C ASP B 283 10.37 -7.51 -15.73
N ASP B 284 11.39 -7.49 -14.89
CA ASP B 284 12.51 -8.41 -14.98
C ASP B 284 12.95 -8.74 -13.56
N VAL B 285 12.28 -9.74 -12.97
CA VAL B 285 12.46 -10.08 -11.56
C VAL B 285 13.84 -10.64 -11.25
N ALA B 286 14.45 -11.30 -12.23
CA ALA B 286 15.81 -11.81 -12.11
C ALA B 286 16.81 -10.69 -11.82
N HIS B 287 16.48 -9.49 -12.27
CA HIS B 287 17.30 -8.31 -12.00
C HIS B 287 16.56 -7.27 -11.15
N GLN B 288 15.56 -7.73 -10.40
CA GLN B 288 14.76 -6.89 -9.49
C GLN B 288 14.18 -5.65 -10.17
N ILE B 289 13.72 -5.80 -11.40
CA ILE B 289 13.12 -4.69 -12.16
C ILE B 289 11.60 -4.73 -12.05
N TYR B 290 11.06 -3.68 -11.44
CA TYR B 290 9.63 -3.48 -11.29
C TYR B 290 9.36 -1.97 -11.22
N PRO B 291 8.13 -1.54 -11.55
CA PRO B 291 7.79 -0.11 -11.45
C PRO B 291 7.98 0.44 -10.04
N GLN B 292 8.53 1.64 -9.95
CA GLN B 292 8.72 2.34 -8.67
C GLN B 292 8.25 3.78 -8.78
N ALA B 293 7.51 4.23 -7.77
CA ALA B 293 7.01 5.60 -7.72
C ALA B 293 8.09 6.66 -7.99
N ILE B 294 9.25 6.47 -7.38
CA ILE B 294 10.35 7.45 -7.49
C ILE B 294 10.94 7.51 -8.90
N ASN B 295 10.85 6.40 -9.64
CA ASN B 295 11.31 6.36 -11.03
C ASN B 295 10.29 6.92 -12.02
N ALA B 296 9.00 6.79 -11.68
CA ALA B 296 7.90 7.22 -12.53
C ALA B 296 7.69 8.74 -12.53
N VAL B 297 8.12 9.40 -11.46
CA VAL B 297 7.97 10.85 -11.32
C VAL B 297 8.62 11.58 -12.50
N GLY B 298 7.85 12.42 -13.17
CA GLY B 298 8.35 13.22 -14.29
C GLY B 298 8.16 12.59 -15.66
N SER B 299 7.63 11.36 -15.68
CA SER B 299 7.39 10.65 -16.94
C SER B 299 5.90 10.59 -17.27
N ARG B 300 5.57 10.76 -18.55
CA ARG B 300 4.19 10.66 -19.04
C ARG B 300 3.70 9.21 -19.12
N ASP B 301 4.65 8.26 -19.11
CA ASP B 301 4.33 6.84 -19.26
C ASP B 301 3.74 6.20 -18.02
N THR B 302 3.07 5.06 -18.23
CA THR B 302 2.54 4.24 -17.15
C THR B 302 3.35 2.94 -17.11
N PHE B 303 3.84 2.59 -15.92
CA PHE B 303 4.77 1.48 -15.77
C PHE B 303 4.12 0.27 -15.11
N VAL B 304 4.31 -0.89 -15.73
CA VAL B 304 3.62 -2.13 -15.33
C VAL B 304 4.63 -3.26 -15.10
N GLY B 305 4.50 -3.95 -13.97
CA GLY B 305 5.39 -5.05 -13.63
C GLY B 305 4.79 -6.00 -12.62
N ARG B 306 5.65 -6.85 -12.05
CA ARG B 306 5.24 -7.92 -11.13
C ARG B 306 4.11 -8.79 -11.70
N ILE B 307 4.06 -8.90 -13.02
CA ILE B 307 2.98 -9.62 -13.71
C ILE B 307 3.15 -11.13 -13.53
N ARG B 308 2.10 -11.75 -12.98
CA ARG B 308 2.11 -13.15 -12.62
C ARG B 308 0.69 -13.68 -12.46
N LYS B 309 0.47 -14.94 -12.83
CA LYS B 309 -0.84 -15.54 -12.67
C LYS B 309 -1.15 -15.80 -11.20
N ASP B 310 -2.43 -15.79 -10.84
CA ASP B 310 -2.87 -16.18 -9.51
C ASP B 310 -2.41 -17.61 -9.22
N LEU B 311 -2.15 -17.90 -7.94
CA LEU B 311 -1.68 -19.23 -7.56
C LEU B 311 -2.75 -20.32 -7.66
N ASP B 312 -4.02 -19.92 -7.74
CA ASP B 312 -5.13 -20.87 -7.79
C ASP B 312 -6.13 -20.60 -8.91
N ALA B 313 -6.52 -19.34 -9.07
CA ALA B 313 -7.51 -18.96 -10.07
C ALA B 313 -6.92 -19.01 -11.48
N GLU B 314 -7.50 -19.86 -12.31
CA GLU B 314 -7.03 -20.13 -13.67
C GLU B 314 -6.85 -18.86 -14.53
N LYS B 315 -7.84 -17.97 -14.47
CA LYS B 315 -7.83 -16.76 -15.28
C LYS B 315 -7.43 -15.52 -14.49
N GLY B 316 -6.85 -15.74 -13.31
CA GLY B 316 -6.43 -14.66 -12.43
C GLY B 316 -5.00 -14.20 -12.68
N ILE B 317 -4.80 -12.88 -12.71
CA ILE B 317 -3.49 -12.27 -12.92
C ILE B 317 -3.28 -11.12 -11.93
N HIS B 318 -2.10 -11.06 -11.33
CA HIS B 318 -1.70 -9.97 -10.45
C HIS B 318 -0.68 -9.09 -11.14
N MET B 319 -0.69 -7.80 -10.84
CA MET B 319 0.30 -6.86 -11.38
C MET B 319 0.50 -5.61 -10.52
N TRP B 320 1.56 -4.86 -10.84
CA TRP B 320 1.93 -3.64 -10.14
C TRP B 320 1.97 -2.50 -11.17
N VAL B 321 1.14 -1.49 -10.96
CA VAL B 321 1.00 -0.37 -11.90
C VAL B 321 1.36 0.94 -11.23
N VAL B 322 2.30 1.69 -11.84
CA VAL B 322 2.75 2.98 -11.31
C VAL B 322 2.75 4.06 -12.40
N SER B 323 2.26 5.25 -12.04
CA SER B 323 2.35 6.43 -12.90
C SER B 323 2.34 7.72 -12.09
N ASP B 324 2.96 8.77 -12.63
CA ASP B 324 2.92 10.10 -12.04
C ASP B 324 1.48 10.61 -12.06
N ASN B 325 0.89 10.78 -10.88
CA ASN B 325 -0.52 11.16 -10.72
C ASN B 325 -0.84 12.57 -11.18
N LEU B 326 0.20 13.41 -11.29
CA LEU B 326 0.02 14.78 -11.77
C LEU B 326 0.22 14.88 -13.27
N LEU B 327 0.86 13.87 -13.86
CA LEU B 327 1.04 13.85 -15.31
C LEU B 327 -0.05 13.01 -16.01
N LYS B 328 0.19 11.70 -16.20
CA LYS B 328 -0.82 10.86 -16.85
C LYS B 328 -2.12 10.85 -16.05
N GLY B 329 -2.00 10.94 -14.73
CA GLY B 329 -3.16 11.02 -13.86
C GLY B 329 -3.96 12.31 -13.97
N ALA B 330 -3.35 13.37 -14.50
CA ALA B 330 -4.01 14.68 -14.56
C ALA B 330 -3.56 15.57 -15.73
N ALA B 331 -2.45 16.28 -15.56
CA ALA B 331 -2.00 17.31 -16.50
C ALA B 331 -1.66 16.80 -17.89
N TRP B 332 -0.90 15.71 -17.99
CA TRP B 332 -0.54 15.15 -19.29
C TRP B 332 -1.75 14.57 -20.02
N ASN B 333 -2.62 13.86 -19.30
CA ASN B 333 -3.82 13.31 -19.93
C ASN B 333 -4.68 14.41 -20.54
N SER B 334 -4.85 15.50 -19.78
CA SER B 334 -5.61 16.68 -20.24
C SER B 334 -4.99 17.32 -21.48
N VAL B 335 -3.67 17.53 -21.46
CA VAL B 335 -2.94 18.10 -22.60
C VAL B 335 -2.99 17.14 -23.79
N GLN B 336 -2.84 15.84 -23.53
CA GLN B 336 -2.95 14.81 -24.56
C GLN B 336 -4.34 14.81 -25.20
N ILE B 337 -5.38 15.01 -24.38
CA ILE B 337 -6.75 15.17 -24.87
C ILE B 337 -6.83 16.37 -25.82
N ALA B 338 -6.29 17.51 -25.39
CA ALA B 338 -6.27 18.72 -26.21
C ALA B 338 -5.55 18.51 -27.55
N GLU B 339 -4.42 17.82 -27.51
CA GLU B 339 -3.66 17.49 -28.72
C GLU B 339 -4.44 16.57 -29.66
N THR B 340 -5.15 15.59 -29.08
CA THR B 340 -5.99 14.70 -29.87
C THR B 340 -7.18 15.46 -30.46
N LEU B 341 -7.75 16.39 -29.69
CA LEU B 341 -8.81 17.27 -30.20
C LEU B 341 -8.32 18.08 -31.39
N HIS B 342 -7.11 18.63 -31.29
CA HIS B 342 -6.50 19.37 -32.41
C HIS B 342 -6.32 18.48 -33.64
N GLU B 343 -5.75 17.29 -33.43
CA GLU B 343 -5.55 16.28 -34.50
C GLU B 343 -6.81 16.00 -35.28
N ARG B 344 -7.95 15.90 -34.59
CA ARG B 344 -9.21 15.48 -35.19
C ARG B 344 -10.10 16.66 -35.61
N GLY B 345 -9.56 17.88 -35.54
CA GLY B 345 -10.30 19.09 -35.90
C GLY B 345 -11.50 19.35 -34.99
N LEU B 346 -11.36 18.99 -33.72
CA LEU B 346 -12.49 19.04 -32.78
C LEU B 346 -12.46 20.25 -31.85
N VAL B 347 -11.52 21.17 -32.08
CA VAL B 347 -11.46 22.42 -31.31
C VAL B 347 -12.27 23.51 -32.03
N ARG B 348 -13.55 23.61 -31.65
CA ARG B 348 -14.49 24.57 -32.22
C ARG B 348 -15.69 24.70 -31.28
N PRO B 349 -16.42 25.84 -31.34
CA PRO B 349 -17.58 26.04 -30.46
C PRO B 349 -18.65 24.97 -30.64
N THR B 350 -19.39 24.70 -29.57
CA THR B 350 -20.55 23.82 -29.61
C THR B 350 -21.81 24.69 -29.66
N ALA B 351 -22.63 24.47 -30.70
CA ALA B 351 -23.83 25.27 -30.92
C ALA B 351 -24.87 25.14 -29.80
N GLU B 352 -25.21 23.90 -29.44
CA GLU B 352 -26.22 23.64 -28.42
C GLU B 352 -25.61 23.46 -27.04
N LEU B 353 -26.02 24.29 -26.08
CA LEU B 353 -25.57 24.16 -24.70
C LEU B 353 -26.32 23.03 -24.00
N LYS B 354 -25.57 22.08 -23.45
CA LYS B 354 -26.14 20.90 -22.80
C LYS B 354 -25.92 20.94 -21.29
N PHE B 355 -25.38 22.04 -20.79
CA PHE B 355 -24.98 22.13 -19.39
C PHE B 355 -25.58 23.35 -18.68
N GLU B 356 -26.08 23.11 -17.47
CA GLU B 356 -26.75 24.14 -16.66
C GLU B 356 -25.82 25.27 -16.23
N LEU B 357 -26.32 26.49 -16.35
CA LEU B 357 -25.62 27.68 -15.86
C LEU B 357 -26.02 27.93 -14.40
N LYS B 358 -25.03 27.91 -13.51
CA LYS B 358 -25.29 27.97 -12.06
C LYS B 358 -25.31 29.40 -11.51
C 11C C . 9.95 -8.39 6.53
N 11C C . 8.45 -10.16 7.22
O 11C C . 9.00 -7.61 6.78
CA 11C C . 9.83 -9.83 6.92
CB 11C C . 10.74 -10.08 8.13
OAB 11C C . 10.06 -14.66 7.56
OAD 11C C . 10.33 -14.11 9.67
CAF 11C C . 10.52 -11.42 8.81
CAG 11C C . 11.11 -12.58 8.02
CAI 11C C . 10.46 -13.87 8.45
OXT 11C C . 11.00 -8.01 5.95
NA NA D . -11.58 -9.10 20.42
P1 A2P E . 24.65 -8.62 16.90
O1P A2P E . 24.21 -7.26 17.41
O2P A2P E . 25.65 -9.32 17.78
O3P A2P E . 25.00 -8.64 15.43
P2 A2P E . 18.56 -6.81 13.27
O4P A2P E . 19.92 -6.14 13.29
O5P A2P E . 18.19 -7.43 11.95
O6P A2P E . 17.47 -5.99 13.91
O5' A2P E . 18.73 -8.07 14.27
C5' A2P E . 19.71 -9.09 14.04
C4' A2P E . 20.08 -9.74 15.38
O4' A2P E . 20.66 -11.03 15.16
C3' A2P E . 21.13 -8.92 16.12
O3' A2P E . 20.76 -8.87 17.50
C2' A2P E . 22.41 -9.70 15.96
O2' A2P E . 23.32 -9.53 17.05
C1' A2P E . 21.90 -11.13 15.89
N9 A2P E . 22.86 -12.04 15.21
C8 A2P E . 23.32 -11.94 13.96
N7 A2P E . 24.18 -12.96 13.72
C5 A2P E . 24.24 -13.71 14.84
C6 A2P E . 24.94 -14.86 15.18
N6 A2P E . 25.77 -15.45 14.28
N1 A2P E . 24.78 -15.39 16.42
C2 A2P E . 23.97 -14.80 17.32
N3 A2P E . 23.29 -13.70 17.01
C4 A2P E . 23.41 -13.13 15.77
C 11C F . -6.67 11.84 -4.71
N 11C F . -7.50 10.95 -6.81
O 11C F . -5.67 11.12 -4.91
CA 11C F . -7.73 11.93 -5.76
CB 11C F . -7.73 13.36 -6.32
OAB 11C F . -11.77 12.76 -8.75
OAD 11C F . -10.19 13.83 -9.82
CAF 11C F . -8.48 13.53 -7.64
CAG 11C F . -9.99 13.64 -7.44
CAI 11C F . -10.70 13.40 -8.77
OXT 11C F . -6.81 12.51 -3.66
P1 A2P G . -5.86 29.87 -5.85
O1P A2P G . -4.38 29.63 -5.83
O2P A2P G . -6.28 31.24 -6.32
O3P A2P G . -6.56 29.43 -4.58
P2 A2P G . -4.54 22.78 -5.08
O4P A2P G . -4.45 23.69 -3.88
O5P A2P G . -5.62 21.72 -4.96
O6P A2P G . -3.21 22.26 -5.56
O5' A2P G . -5.06 23.72 -6.28
C5' A2P G . -6.37 24.26 -6.28
C4' A2P G . -6.50 25.28 -7.40
O4' A2P G . -7.87 25.68 -7.54
C3' A2P G . -5.72 26.56 -7.11
O3' A2P G . -5.05 26.97 -8.30
C2' A2P G . -6.79 27.56 -6.72
O2' A2P G . -6.41 28.90 -7.01
C1' A2P G . -7.97 27.10 -7.55
N9 A2P G . -9.27 27.57 -7.01
C8 A2P G . -9.79 27.32 -5.80
N7 A2P G . -10.99 27.93 -5.71
C5 A2P G . -11.22 28.58 -6.87
C6 A2P G . -12.25 29.37 -7.35
N6 A2P G . -13.34 29.63 -6.58
N1 A2P G . -12.16 29.88 -8.61
C2 A2P G . -11.10 29.64 -9.37
N3 A2P G . -10.08 28.88 -8.95
C4 A2P G . -10.12 28.35 -7.69
#